data_6MSV
#
_entry.id   6MSV
#
_cell.length_a   48.520
_cell.length_b   79.460
_cell.length_c   80.886
_cell.angle_alpha   112.33
_cell.angle_beta   95.88
_cell.angle_gamma   94.48
#
_symmetry.space_group_name_H-M   'P 1'
#
loop_
_entity.id
_entity.type
_entity.pdbx_description
1 polymer Fibronectin
2 non-polymer GLYCEROL
3 water water
#
_entity_poly.entity_id   1
_entity_poly.type   'polypeptide(L)'
_entity_poly.pdbx_seq_one_letter_code
;GSGLQPGSSIPPYNTEVTETTIVITWTPAPRIGFKLGVRPSQGGEAPREVTSDSGSIVVSGLTPGVEYVYTIQVLRDGQE
RDAPIVNKVVTP
;
_entity_poly.pdbx_strand_id   A,B,C,D,E,F,G,H,I,J,K,L
#
loop_
_chem_comp.id
_chem_comp.type
_chem_comp.name
_chem_comp.formula
GOL non-polymer GLYCEROL 'C3 H8 O3'
#
# COMPACT_ATOMS: atom_id res chain seq x y z
N GLY A 7 5.83 7.28 18.05
CA GLY A 7 6.71 8.33 17.54
C GLY A 7 7.39 7.94 16.24
N SER A 8 8.72 8.09 16.21
CA SER A 8 9.52 7.82 15.01
C SER A 8 10.64 6.84 15.38
N SER A 9 10.35 5.55 15.24
CA SER A 9 11.39 4.53 15.24
C SER A 9 11.49 3.87 13.86
N ILE A 10 11.22 4.64 12.82
CA ILE A 10 11.54 4.28 11.44
C ILE A 10 13.01 3.87 11.43
N PRO A 11 13.34 2.66 10.99
CA PRO A 11 14.76 2.30 10.86
C PRO A 11 15.46 3.27 9.93
N PRO A 12 16.56 3.88 10.37
CA PRO A 12 17.23 4.87 9.53
C PRO A 12 17.69 4.25 8.21
N TYR A 13 17.47 4.98 7.12
CA TYR A 13 17.82 4.48 5.81
C TYR A 13 18.51 5.57 5.01
N ASN A 14 19.40 5.14 4.12
CA ASN A 14 20.11 6.02 3.20
C ASN A 14 19.47 5.94 1.82
N THR A 15 19.36 7.09 1.16
CA THR A 15 18.71 7.19 -0.14
C THR A 15 19.72 7.69 -1.16
N GLU A 16 19.96 6.89 -2.20
CA GLU A 16 20.86 7.25 -3.29
C GLU A 16 20.04 7.46 -4.56
N VAL A 17 20.25 8.59 -5.22
CA VAL A 17 19.53 8.95 -6.43
C VAL A 17 20.54 9.24 -7.52
N THR A 18 20.47 8.47 -8.61
CA THR A 18 21.30 8.66 -9.78
C THR A 18 20.41 8.99 -10.98
N GLU A 19 21.01 8.96 -12.18
CA GLU A 19 20.26 9.28 -13.39
C GLU A 19 19.17 8.26 -13.67
N THR A 20 19.41 6.99 -13.37
CA THR A 20 18.47 5.93 -13.68
C THR A 20 18.12 5.03 -12.50
N THR A 21 18.66 5.30 -11.31
CA THR A 21 18.52 4.39 -10.19
C THR A 21 18.14 5.13 -8.92
N ILE A 22 17.33 4.47 -8.08
CA ILE A 22 17.03 4.91 -6.73
C ILE A 22 17.32 3.74 -5.80
N VAL A 23 18.22 3.95 -4.84
CA VAL A 23 18.66 2.89 -3.93
C VAL A 23 18.38 3.32 -2.50
N ILE A 24 17.70 2.47 -1.74
CA ILE A 24 17.43 2.67 -0.33
C ILE A 24 18.12 1.55 0.44
N THR A 25 18.86 1.92 1.49
CA THR A 25 19.61 0.94 2.28
C THR A 25 19.37 1.18 3.76
N TRP A 26 19.35 0.09 4.52
CA TRP A 26 19.14 0.16 5.97
C TRP A 26 19.76 -1.08 6.61
N THR A 27 19.73 -1.10 7.94
CA THR A 27 20.28 -2.22 8.69
C THR A 27 19.26 -3.36 8.75
N PRO A 28 19.57 -4.53 8.21
CA PRO A 28 18.59 -5.62 8.19
C PRO A 28 18.29 -6.14 9.59
N ALA A 29 17.02 -6.32 9.88
CA ALA A 29 16.51 -6.90 11.12
C ALA A 29 15.52 -8.00 10.76
N PRO A 30 15.31 -8.96 11.66
CA PRO A 30 14.48 -10.13 11.29
C PRO A 30 13.09 -9.79 10.77
N ARG A 31 12.42 -8.80 11.36
CA ARG A 31 11.03 -8.52 11.02
C ARG A 31 10.81 -7.09 10.55
N ILE A 32 11.83 -6.47 9.95
CA ILE A 32 11.71 -5.15 9.34
C ILE A 32 11.75 -5.31 7.83
N GLY A 33 10.74 -4.76 7.15
CA GLY A 33 10.68 -4.77 5.71
C GLY A 33 10.48 -3.35 5.18
N PHE A 34 10.69 -3.22 3.88
CA PHE A 34 10.59 -1.93 3.22
C PHE A 34 9.84 -2.10 1.90
N LYS A 35 8.90 -1.20 1.63
CA LYS A 35 8.17 -1.17 0.37
C LYS A 35 8.37 0.19 -0.28
N LEU A 36 8.96 0.20 -1.46
CA LEU A 36 9.28 1.43 -2.18
C LEU A 36 8.50 1.45 -3.48
N GLY A 37 7.89 2.59 -3.79
CA GLY A 37 7.17 2.75 -5.03
C GLY A 37 7.50 4.05 -5.74
N VAL A 38 7.95 3.96 -6.99
CA VAL A 38 8.31 5.14 -7.77
C VAL A 38 7.36 5.27 -8.95
N ARG A 39 7.12 6.51 -9.35
CA ARG A 39 6.21 6.83 -10.46
C ARG A 39 6.48 8.26 -10.89
N PRO A 40 6.36 8.56 -12.17
CA PRO A 40 6.53 9.96 -12.61
C PRO A 40 5.42 10.84 -12.07
N SER A 41 5.80 12.07 -11.68
CA SER A 41 4.82 13.01 -11.16
C SER A 41 3.75 13.35 -12.21
N GLN A 42 4.13 13.34 -13.49
CA GLN A 42 3.21 13.65 -14.58
C GLN A 42 2.71 12.39 -15.29
N GLY A 43 3.12 11.21 -14.84
CA GLY A 43 2.70 9.98 -15.47
C GLY A 43 3.43 9.72 -16.77
N GLY A 44 3.04 8.61 -17.41
CA GLY A 44 3.62 8.24 -18.69
C GLY A 44 4.14 6.83 -18.73
N GLU A 45 4.55 6.30 -17.58
CA GLU A 45 5.08 4.95 -17.52
C GLU A 45 4.49 4.23 -16.32
N ALA A 46 4.88 2.95 -16.16
CA ALA A 46 4.33 2.09 -15.12
C ALA A 46 4.93 2.43 -13.77
N PRO A 47 4.12 2.49 -12.71
CA PRO A 47 4.66 2.67 -11.36
C PRO A 47 5.21 1.35 -10.84
N ARG A 48 6.46 1.37 -10.40
CA ARG A 48 7.11 0.19 -9.88
C ARG A 48 6.94 0.09 -8.37
N GLU A 49 6.91 -1.13 -7.86
CA GLU A 49 6.83 -1.38 -6.42
C GLU A 49 7.77 -2.53 -6.06
N VAL A 50 8.63 -2.30 -5.08
CA VAL A 50 9.59 -3.29 -4.62
C VAL A 50 9.47 -3.42 -3.11
N THR A 51 9.51 -4.66 -2.63
CA THR A 51 9.58 -4.96 -1.20
C THR A 51 10.79 -5.84 -0.94
N SER A 52 11.49 -5.58 0.16
CA SER A 52 12.70 -6.32 0.46
C SER A 52 13.00 -6.28 1.95
N ASP A 53 13.66 -7.34 2.43
CA ASP A 53 14.28 -7.36 3.75
C ASP A 53 15.80 -7.46 3.66
N SER A 54 16.36 -7.52 2.45
CA SER A 54 17.78 -7.70 2.26
C SER A 54 18.60 -6.54 2.83
N GLY A 55 17.97 -5.39 3.04
CA GLY A 55 18.68 -4.19 3.42
C GLY A 55 18.89 -3.21 2.29
N SER A 56 18.39 -3.51 1.10
CA SER A 56 18.53 -2.64 -0.05
C SER A 56 17.34 -2.81 -0.99
N ILE A 57 16.86 -1.68 -1.50
CA ILE A 57 15.86 -1.66 -2.57
C ILE A 57 16.48 -0.99 -3.78
N VAL A 58 16.32 -1.60 -4.95
CA VAL A 58 16.86 -1.08 -6.20
C VAL A 58 15.69 -0.80 -7.13
N VAL A 59 15.71 0.38 -7.74
CA VAL A 59 14.79 0.73 -8.82
C VAL A 59 15.64 1.28 -9.95
N SER A 60 15.90 0.46 -10.95
CA SER A 60 16.67 0.87 -12.12
C SER A 60 15.72 1.20 -13.27
N GLY A 61 16.32 1.55 -14.42
CA GLY A 61 15.53 1.83 -15.59
C GLY A 61 14.81 3.15 -15.60
N LEU A 62 15.04 4.01 -14.60
CA LEU A 62 14.42 5.32 -14.60
C LEU A 62 15.01 6.20 -15.69
N THR A 63 14.21 7.15 -16.16
CA THR A 63 14.69 8.04 -17.21
C THR A 63 15.29 9.29 -16.60
N PRO A 64 16.48 9.71 -17.02
CA PRO A 64 17.09 10.92 -16.45
C PRO A 64 16.32 12.18 -16.84
N GLY A 65 16.30 13.13 -15.91
CA GLY A 65 15.66 14.40 -16.16
C GLY A 65 14.16 14.42 -15.99
N VAL A 66 13.58 13.44 -15.31
CA VAL A 66 12.13 13.32 -15.16
C VAL A 66 11.80 13.36 -13.68
N GLU A 67 10.79 14.14 -13.31
CA GLU A 67 10.36 14.23 -11.93
C GLU A 67 9.69 12.93 -11.50
N TYR A 68 10.16 12.35 -10.39
CA TYR A 68 9.63 11.10 -9.88
C TYR A 68 9.13 11.30 -8.45
N VAL A 69 7.91 10.86 -8.18
CA VAL A 69 7.41 10.74 -6.82
C VAL A 69 7.71 9.34 -6.32
N TYR A 70 8.29 9.23 -5.13
CA TYR A 70 8.59 7.92 -4.58
C TYR A 70 8.19 7.87 -3.11
N THR A 71 7.52 6.79 -2.72
CA THR A 71 6.95 6.63 -1.39
C THR A 71 7.59 5.43 -0.70
N ILE A 72 8.01 5.63 0.54
CA ILE A 72 8.67 4.60 1.34
C ILE A 72 7.70 4.16 2.44
N GLN A 73 7.44 2.86 2.52
CA GLN A 73 6.54 2.28 3.51
C GLN A 73 7.31 1.24 4.32
N VAL A 74 7.55 1.55 5.59
CA VAL A 74 8.17 0.59 6.49
C VAL A 74 7.13 -0.46 6.90
N LEU A 75 7.57 -1.71 6.99
CA LEU A 75 6.67 -2.83 7.28
C LEU A 75 7.14 -3.53 8.55
N ARG A 76 6.29 -3.52 9.58
CA ARG A 76 6.53 -4.25 10.82
C ARG A 76 5.73 -5.55 10.75
N ASP A 77 6.43 -6.69 10.71
CA ASP A 77 5.79 -7.99 10.58
C ASP A 77 4.87 -8.03 9.37
N GLY A 78 5.28 -7.37 8.30
CA GLY A 78 4.43 -7.25 7.14
C GLY A 78 3.19 -6.41 7.36
N GLN A 79 3.21 -5.52 8.35
CA GLN A 79 2.09 -4.64 8.64
C GLN A 79 2.54 -3.19 8.54
N GLU A 80 1.64 -2.34 8.02
CA GLU A 80 1.92 -0.91 7.89
C GLU A 80 1.55 -0.23 9.20
N ARG A 81 2.50 -0.24 10.14
CA ARG A 81 2.30 0.36 11.44
C ARG A 81 2.83 1.80 11.52
N ASP A 82 3.54 2.25 10.50
CA ASP A 82 4.07 3.61 10.45
C ASP A 82 3.49 4.35 9.25
N ALA A 83 3.60 5.67 9.29
CA ALA A 83 3.07 6.48 8.21
C ALA A 83 3.98 6.38 6.98
N PRO A 84 3.40 6.32 5.78
CA PRO A 84 4.23 6.32 4.58
C PRO A 84 4.96 7.64 4.39
N ILE A 85 6.14 7.56 3.78
CA ILE A 85 7.00 8.71 3.56
C ILE A 85 7.01 9.01 2.07
N VAL A 86 6.38 10.12 1.69
CA VAL A 86 6.27 10.53 0.28
C VAL A 86 7.36 11.57 0.00
N ASN A 87 8.13 11.32 -1.05
CA ASN A 87 9.20 12.22 -1.48
C ASN A 87 9.09 12.45 -2.97
N LYS A 88 9.80 13.48 -3.44
CA LYS A 88 9.86 13.80 -4.86
C LYS A 88 11.28 14.17 -5.22
N VAL A 89 11.80 13.60 -6.30
CA VAL A 89 13.15 13.88 -6.78
C VAL A 89 13.13 13.89 -8.30
N VAL A 90 13.96 14.76 -8.88
CA VAL A 90 14.14 14.84 -10.33
C VAL A 90 15.46 14.17 -10.68
N THR A 91 15.41 13.23 -11.62
CA THR A 91 16.61 12.50 -11.99
C THR A 91 17.63 13.44 -12.61
N PRO A 92 18.91 13.34 -12.22
CA PRO A 92 20.00 14.19 -12.73
C PRO A 92 20.20 14.06 -14.23
N ILE B 10 -9.05 10.25 -8.03
CA ILE B 10 -9.40 11.60 -8.48
C ILE B 10 -10.81 12.11 -8.07
N PRO B 11 -11.77 11.23 -7.75
CA PRO B 11 -13.03 11.75 -7.20
C PRO B 11 -12.83 12.21 -5.77
N PRO B 12 -13.33 13.41 -5.44
CA PRO B 12 -13.25 13.87 -4.05
C PRO B 12 -14.10 13.00 -3.13
N TYR B 13 -13.64 12.85 -1.89
CA TYR B 13 -14.30 11.99 -0.92
C TYR B 13 -14.67 12.78 0.32
N ASN B 14 -15.74 12.33 0.97
CA ASN B 14 -16.18 12.91 2.23
C ASN B 14 -15.78 12.01 3.39
N THR B 15 -15.53 12.62 4.55
CA THR B 15 -15.10 11.89 5.74
C THR B 15 -16.03 12.20 6.89
N GLU B 16 -16.45 11.16 7.60
CA GLU B 16 -17.28 11.30 8.80
C GLU B 16 -16.66 10.46 9.90
N VAL B 17 -16.48 11.05 11.08
CA VAL B 17 -15.87 10.38 12.22
C VAL B 17 -16.81 10.49 13.41
N THR B 18 -17.20 9.34 13.96
CA THR B 18 -17.93 9.26 15.21
C THR B 18 -17.00 8.66 16.27
N GLU B 19 -17.56 8.36 17.44
CA GLU B 19 -16.74 7.81 18.51
C GLU B 19 -16.41 6.34 18.29
N THR B 20 -17.12 5.67 17.39
CA THR B 20 -16.87 4.26 17.09
C THR B 20 -16.67 3.96 15.62
N THR B 21 -16.87 4.92 14.72
CA THR B 21 -16.92 4.66 13.29
C THR B 21 -16.17 5.73 12.52
N ILE B 22 -15.52 5.31 11.44
CA ILE B 22 -14.93 6.21 10.45
C ILE B 22 -15.51 5.84 9.09
N VAL B 23 -16.20 6.77 8.45
CA VAL B 23 -16.86 6.55 7.17
C VAL B 23 -16.20 7.43 6.12
N ILE B 24 -15.93 6.86 4.95
CA ILE B 24 -15.44 7.59 3.79
C ILE B 24 -16.38 7.31 2.63
N THR B 25 -16.78 8.37 1.93
CA THR B 25 -17.80 8.29 0.89
C THR B 25 -17.34 9.06 -0.33
N TRP B 26 -17.67 8.54 -1.52
CA TRP B 26 -17.35 9.23 -2.77
C TRP B 26 -18.32 8.77 -3.84
N THR B 27 -18.42 9.58 -4.88
CA THR B 27 -19.18 9.18 -6.06
C THR B 27 -18.36 8.15 -6.84
N PRO B 28 -18.87 6.92 -7.00
CA PRO B 28 -18.09 5.90 -7.72
C PRO B 28 -17.79 6.32 -9.16
N ALA B 29 -16.59 5.99 -9.60
CA ALA B 29 -16.11 6.25 -10.94
C ALA B 29 -15.51 4.97 -11.51
N PRO B 30 -15.53 4.81 -12.84
CA PRO B 30 -14.97 3.59 -13.42
C PRO B 30 -13.47 3.51 -13.18
N ARG B 31 -12.99 2.31 -12.90
CA ARG B 31 -11.57 2.03 -12.66
C ARG B 31 -11.02 2.81 -11.47
N ILE B 32 -11.88 3.19 -10.52
CA ILE B 32 -11.46 3.97 -9.36
C ILE B 32 -11.91 3.24 -8.10
N GLY B 33 -11.00 3.13 -7.14
CA GLY B 33 -11.30 2.54 -5.85
C GLY B 33 -10.61 3.30 -4.73
N PHE B 34 -10.89 2.89 -3.51
CA PHE B 34 -10.31 3.51 -2.33
C PHE B 34 -9.94 2.44 -1.31
N LYS B 35 -8.88 2.73 -0.55
CA LYS B 35 -8.33 1.80 0.42
C LYS B 35 -8.00 2.57 1.69
N LEU B 36 -8.66 2.22 2.78
CA LEU B 36 -8.52 2.92 4.05
C LEU B 36 -7.88 2.01 5.09
N GLY B 37 -6.94 2.55 5.85
CA GLY B 37 -6.31 1.80 6.93
C GLY B 37 -6.32 2.58 8.23
N VAL B 38 -6.92 2.00 9.28
CA VAL B 38 -7.05 2.65 10.58
C VAL B 38 -6.23 1.86 11.59
N ARG B 39 -5.44 2.56 12.40
CA ARG B 39 -4.63 1.94 13.43
C ARG B 39 -4.55 2.88 14.62
N PRO B 40 -4.46 2.35 15.84
CA PRO B 40 -4.32 3.23 17.01
C PRO B 40 -2.95 3.89 17.03
N SER B 41 -2.93 5.20 17.31
CA SER B 41 -1.68 5.94 17.33
C SER B 41 -0.75 5.50 18.46
N GLN B 42 -1.29 4.82 19.48
CA GLN B 42 -0.44 4.32 20.56
C GLN B 42 0.34 3.08 20.15
N GLY B 43 -0.17 2.32 19.18
CA GLY B 43 0.51 1.14 18.71
C GLY B 43 -0.01 -0.13 19.35
N GLY B 44 0.75 -1.21 19.14
CA GLY B 44 0.42 -2.49 19.72
C GLY B 44 -0.51 -3.32 18.87
N GLU B 45 -1.52 -2.69 18.29
CA GLU B 45 -2.52 -3.38 17.48
C GLU B 45 -2.07 -3.44 16.02
N ALA B 46 -2.84 -4.16 15.22
CA ALA B 46 -2.64 -4.30 13.79
C ALA B 46 -3.52 -3.33 13.03
N PRO B 47 -3.03 -2.77 11.91
CA PRO B 47 -3.85 -1.83 11.15
C PRO B 47 -4.97 -2.55 10.42
N ARG B 48 -6.21 -2.09 10.62
CA ARG B 48 -7.36 -2.61 9.91
C ARG B 48 -7.52 -1.88 8.59
N GLU B 49 -7.77 -2.65 7.53
CA GLU B 49 -7.82 -2.10 6.17
C GLU B 49 -9.12 -2.50 5.50
N VAL B 50 -9.68 -1.58 4.73
CA VAL B 50 -10.90 -1.81 3.96
C VAL B 50 -10.70 -1.24 2.56
N THR B 51 -11.01 -2.03 1.54
CA THR B 51 -10.91 -1.60 0.15
C THR B 51 -12.28 -1.73 -0.52
N SER B 52 -12.64 -0.71 -1.31
CA SER B 52 -13.95 -0.69 -1.92
C SER B 52 -13.95 0.25 -3.12
N ASP B 53 -14.78 -0.09 -4.10
CA ASP B 53 -15.14 0.79 -5.19
C ASP B 53 -16.61 1.17 -5.16
N SER B 54 -17.34 0.72 -4.13
CA SER B 54 -18.78 0.93 -4.06
C SER B 54 -19.16 2.38 -3.83
N GLY B 55 -18.22 3.23 -3.44
CA GLY B 55 -18.52 4.59 -3.04
C GLY B 55 -18.60 4.81 -1.56
N SER B 56 -18.26 3.81 -0.74
CA SER B 56 -18.34 3.94 0.70
C SER B 56 -17.38 2.95 1.35
N ILE B 57 -16.77 3.37 2.44
CA ILE B 57 -15.86 2.54 3.24
C ILE B 57 -16.12 2.84 4.70
N VAL B 58 -16.38 1.80 5.50
CA VAL B 58 -16.75 1.95 6.90
C VAL B 58 -15.82 1.08 7.75
N VAL B 59 -15.20 1.70 8.76
CA VAL B 59 -14.42 0.99 9.76
C VAL B 59 -15.11 1.25 11.10
N SER B 60 -15.83 0.25 11.60
CA SER B 60 -16.59 0.37 12.82
C SER B 60 -15.81 -0.20 14.00
N GLY B 61 -16.45 -0.22 15.17
CA GLY B 61 -15.86 -0.82 16.35
C GLY B 61 -14.72 -0.06 16.97
N LEU B 62 -14.51 1.20 16.61
CA LEU B 62 -13.43 1.98 17.21
C LEU B 62 -13.79 2.37 18.65
N THR B 63 -12.75 2.66 19.42
CA THR B 63 -12.95 2.98 20.83
C THR B 63 -13.06 4.49 21.02
N PRO B 64 -14.07 4.97 21.73
CA PRO B 64 -14.20 6.42 21.94
C PRO B 64 -13.09 6.95 22.84
N GLY B 65 -12.67 8.17 22.55
CA GLY B 65 -11.59 8.81 23.28
C GLY B 65 -10.20 8.36 22.87
N VAL B 66 -10.08 7.46 21.90
CA VAL B 66 -8.80 6.93 21.46
C VAL B 66 -8.40 7.63 20.16
N GLU B 67 -7.12 7.98 20.07
CA GLU B 67 -6.59 8.70 18.91
C GLU B 67 -6.09 7.70 17.87
N TYR B 68 -6.56 7.86 16.64
CA TYR B 68 -6.25 6.94 15.56
C TYR B 68 -5.54 7.66 14.42
N VAL B 69 -4.66 6.93 13.74
CA VAL B 69 -4.08 7.36 12.48
C VAL B 69 -4.75 6.57 11.38
N TYR B 70 -5.33 7.26 10.39
CA TYR B 70 -5.98 6.59 9.28
C TYR B 70 -5.44 7.15 7.98
N THR B 71 -5.05 6.25 7.07
CA THR B 71 -4.47 6.60 5.78
C THR B 71 -5.43 6.22 4.66
N ILE B 72 -5.59 7.13 3.71
CA ILE B 72 -6.49 6.94 2.57
C ILE B 72 -5.64 6.77 1.32
N GLN B 73 -5.93 5.73 0.53
CA GLN B 73 -5.16 5.39 -0.65
C GLN B 73 -6.11 5.15 -1.82
N VAL B 74 -6.08 6.04 -2.80
CA VAL B 74 -6.88 5.87 -4.00
C VAL B 74 -6.28 4.78 -4.88
N LEU B 75 -7.14 4.06 -5.59
CA LEU B 75 -6.74 3.00 -6.50
C LEU B 75 -7.18 3.35 -7.92
N ARG B 76 -6.27 3.21 -8.88
CA ARG B 76 -6.58 3.34 -10.30
C ARG B 76 -6.46 1.95 -10.90
N ASP B 77 -7.61 1.30 -11.11
CA ASP B 77 -7.68 -0.11 -11.51
C ASP B 77 -7.08 -1.02 -10.44
N GLY B 78 -7.21 -0.63 -9.17
CA GLY B 78 -6.57 -1.36 -8.10
C GLY B 78 -5.07 -1.13 -8.02
N GLN B 79 -4.60 0.01 -8.50
CA GLN B 79 -3.18 0.35 -8.47
C GLN B 79 -2.98 1.62 -7.66
N GLU B 80 -1.90 1.66 -6.88
CA GLU B 80 -1.60 2.82 -6.05
C GLU B 80 -0.82 3.83 -6.91
N ARG B 81 -1.57 4.70 -7.59
CA ARG B 81 -0.96 5.63 -8.54
C ARG B 81 -1.00 7.08 -8.03
N ASP B 82 -1.40 7.30 -6.79
CA ASP B 82 -1.32 8.62 -6.16
C ASP B 82 -0.71 8.48 -4.78
N ALA B 83 -0.35 9.62 -4.19
CA ALA B 83 0.26 9.61 -2.88
C ALA B 83 -0.79 9.34 -1.81
N PRO B 84 -0.48 8.50 -0.82
CA PRO B 84 -1.44 8.24 0.26
C PRO B 84 -1.66 9.48 1.11
N ILE B 85 -2.90 9.65 1.56
CA ILE B 85 -3.30 10.78 2.39
C ILE B 85 -3.33 10.29 3.84
N VAL B 86 -2.43 10.81 4.66
CA VAL B 86 -2.30 10.41 6.06
C VAL B 86 -3.02 11.44 6.91
N ASN B 87 -3.90 10.97 7.80
CA ASN B 87 -4.65 11.85 8.68
C ASN B 87 -4.67 11.25 10.08
N LYS B 88 -5.02 12.08 11.05
CA LYS B 88 -5.17 11.63 12.43
C LYS B 88 -6.42 12.25 13.02
N VAL B 89 -7.12 11.48 13.85
CA VAL B 89 -8.37 11.91 14.44
C VAL B 89 -8.51 11.26 15.80
N VAL B 90 -9.11 11.99 16.73
CA VAL B 90 -9.51 11.47 18.04
C VAL B 90 -11.00 11.22 17.99
N THR B 91 -11.42 10.00 18.26
CA THR B 91 -12.84 9.71 18.29
C THR B 91 -13.46 10.23 19.58
N PRO B 92 -14.58 10.97 19.49
CA PRO B 92 -15.26 11.67 20.59
C PRO B 92 -15.46 10.83 21.86
N SER C 8 -28.50 -15.80 -0.66
CA SER C 8 -28.50 -16.56 0.58
C SER C 8 -27.26 -17.42 0.72
N SER C 9 -26.93 -18.16 -0.34
CA SER C 9 -25.77 -19.04 -0.30
C SER C 9 -24.48 -18.23 -0.27
N ILE C 10 -23.44 -18.85 0.25
CA ILE C 10 -22.16 -18.16 0.42
C ILE C 10 -21.48 -18.00 -0.93
N PRO C 11 -21.02 -16.81 -1.29
CA PRO C 11 -20.26 -16.64 -2.53
C PRO C 11 -19.00 -17.49 -2.52
N PRO C 12 -18.80 -18.32 -3.54
CA PRO C 12 -17.63 -19.20 -3.55
C PRO C 12 -16.33 -18.39 -3.47
N TYR C 13 -15.39 -18.90 -2.67
CA TYR C 13 -14.09 -18.25 -2.54
C TYR C 13 -13.00 -19.31 -2.51
N ASN C 14 -11.85 -18.95 -3.06
CA ASN C 14 -10.66 -19.80 -3.04
C ASN C 14 -9.70 -19.32 -1.97
N THR C 15 -9.05 -20.26 -1.30
CA THR C 15 -8.15 -19.96 -0.19
C THR C 15 -6.75 -20.47 -0.54
N GLU C 16 -5.76 -19.58 -0.46
CA GLU C 16 -4.37 -19.96 -0.67
C GLU C 16 -3.58 -19.65 0.59
N VAL C 17 -2.79 -20.63 1.03
CA VAL C 17 -1.97 -20.50 2.23
C VAL C 17 -0.53 -20.83 1.86
N THR C 18 0.38 -19.90 2.12
CA THR C 18 1.81 -20.14 2.04
C THR C 18 2.41 -19.94 3.44
N GLU C 19 3.74 -19.92 3.52
CA GLU C 19 4.40 -19.72 4.79
C GLU C 19 4.36 -18.27 5.25
N THR C 20 3.88 -17.34 4.43
CA THR C 20 3.92 -15.93 4.75
C THR C 20 2.57 -15.27 4.50
N THR C 21 1.84 -15.74 3.48
CA THR C 21 0.63 -15.08 3.03
C THR C 21 -0.58 -15.99 3.11
N ILE C 22 -1.73 -15.37 3.34
CA ILE C 22 -3.04 -16.00 3.23
C ILE C 22 -3.89 -15.08 2.37
N VAL C 23 -4.33 -15.59 1.21
CA VAL C 23 -5.08 -14.78 0.26
C VAL C 23 -6.40 -15.48 -0.06
N ILE C 24 -7.50 -14.71 -0.01
CA ILE C 24 -8.82 -15.19 -0.38
C ILE C 24 -9.23 -14.51 -1.67
N THR C 25 -9.79 -15.29 -2.60
CA THR C 25 -10.23 -14.80 -3.89
C THR C 25 -11.65 -15.24 -4.16
N TRP C 26 -12.40 -14.42 -4.89
CA TRP C 26 -13.79 -14.73 -5.20
C TRP C 26 -14.22 -13.87 -6.38
N THR C 27 -15.40 -14.21 -6.92
CA THR C 27 -16.01 -13.44 -8.00
C THR C 27 -16.60 -12.15 -7.44
N PRO C 28 -16.06 -10.99 -7.82
CA PRO C 28 -16.58 -9.73 -7.28
C PRO C 28 -17.99 -9.48 -7.76
N ALA C 29 -18.90 -9.27 -6.82
CA ALA C 29 -20.28 -8.95 -7.12
C ALA C 29 -20.68 -7.68 -6.39
N PRO C 30 -21.54 -6.85 -6.98
CA PRO C 30 -22.10 -5.72 -6.24
C PRO C 30 -22.86 -6.21 -5.03
N ARG C 31 -22.95 -5.32 -4.03
CA ARG C 31 -23.61 -5.61 -2.74
C ARG C 31 -22.89 -6.71 -1.97
N ILE C 32 -21.64 -7.03 -2.29
CA ILE C 32 -20.99 -8.22 -1.75
C ILE C 32 -19.53 -7.93 -1.46
N GLY C 33 -19.05 -8.38 -0.29
CA GLY C 33 -17.67 -8.24 0.09
C GLY C 33 -17.30 -9.30 1.10
N PHE C 34 -16.02 -9.29 1.49
CA PHE C 34 -15.48 -10.25 2.44
C PHE C 34 -14.59 -9.56 3.44
N LYS C 35 -14.51 -10.11 4.64
CA LYS C 35 -13.59 -9.65 5.67
C LYS C 35 -12.85 -10.85 6.25
N LEU C 36 -11.52 -10.74 6.32
CA LEU C 36 -10.67 -11.81 6.79
C LEU C 36 -9.89 -11.36 8.01
N GLY C 37 -9.94 -12.16 9.07
CA GLY C 37 -9.21 -11.85 10.29
C GLY C 37 -8.31 -12.98 10.75
N VAL C 38 -7.02 -12.71 10.88
CA VAL C 38 -6.03 -13.72 11.23
C VAL C 38 -5.46 -13.38 12.61
N ARG C 39 -5.27 -14.42 13.43
CA ARG C 39 -4.71 -14.29 14.76
C ARG C 39 -4.00 -15.59 15.12
N PRO C 40 -2.81 -15.53 15.72
CA PRO C 40 -2.18 -16.75 16.21
C PRO C 40 -2.91 -17.31 17.42
N SER C 41 -2.99 -18.63 17.49
CA SER C 41 -3.70 -19.27 18.59
C SER C 41 -2.96 -19.09 19.92
N GLN C 42 -1.64 -18.98 19.89
CA GLN C 42 -0.86 -18.77 21.09
C GLN C 42 -0.77 -17.30 21.51
N GLY C 43 -1.45 -16.41 20.80
CA GLY C 43 -1.27 -14.99 21.02
C GLY C 43 0.09 -14.54 20.53
N GLY C 44 0.44 -13.31 20.91
CA GLY C 44 1.72 -12.73 20.56
C GLY C 44 1.71 -11.83 19.34
N GLU C 45 0.78 -12.04 18.43
CA GLU C 45 0.55 -11.13 17.31
C GLU C 45 -0.75 -10.37 17.53
N ALA C 46 -0.87 -9.23 16.86
CA ALA C 46 -2.12 -8.51 16.95
C ALA C 46 -3.13 -9.08 15.96
N PRO C 47 -4.41 -9.16 16.33
CA PRO C 47 -5.42 -9.65 15.39
C PRO C 47 -5.52 -8.78 14.15
N ARG C 48 -5.03 -9.30 13.02
CA ARG C 48 -5.07 -8.56 11.77
C ARG C 48 -6.44 -8.69 11.11
N GLU C 49 -6.85 -7.63 10.42
CA GLU C 49 -8.19 -7.55 9.86
C GLU C 49 -8.15 -6.76 8.57
N VAL C 50 -8.49 -7.40 7.45
CA VAL C 50 -8.52 -6.77 6.14
C VAL C 50 -9.87 -7.05 5.49
N THR C 51 -10.50 -6.01 4.96
CA THR C 51 -11.81 -6.10 4.32
C THR C 51 -11.68 -5.65 2.87
N SER C 52 -12.39 -6.33 1.97
CA SER C 52 -12.38 -5.95 0.57
C SER C 52 -13.62 -6.50 -0.12
N ASP C 53 -14.03 -5.79 -1.18
CA ASP C 53 -15.05 -6.28 -2.10
C ASP C 53 -14.52 -6.43 -3.52
N SER C 54 -13.23 -6.21 -3.73
CA SER C 54 -12.62 -6.26 -5.06
C SER C 54 -12.47 -7.67 -5.59
N GLY C 55 -12.73 -8.69 -4.77
CA GLY C 55 -12.50 -10.06 -5.17
C GLY C 55 -11.22 -10.67 -4.64
N SER C 56 -10.46 -9.93 -3.82
CA SER C 56 -9.20 -10.44 -3.29
C SER C 56 -8.93 -9.82 -1.94
N ILE C 57 -8.38 -10.62 -1.02
CA ILE C 57 -7.94 -10.16 0.28
C ILE C 57 -6.60 -10.82 0.57
N VAL C 58 -5.58 -10.01 0.85
CA VAL C 58 -4.23 -10.50 1.09
C VAL C 58 -3.78 -10.06 2.48
N VAL C 59 -3.23 -10.99 3.24
CA VAL C 59 -2.57 -10.69 4.51
C VAL C 59 -1.20 -11.37 4.48
N SER C 60 -0.15 -10.58 4.34
CA SER C 60 1.21 -11.09 4.22
C SER C 60 1.99 -10.81 5.50
N GLY C 61 3.28 -11.14 5.47
CA GLY C 61 4.13 -10.91 6.61
C GLY C 61 3.91 -11.84 7.78
N LEU C 62 3.24 -12.97 7.56
CA LEU C 62 3.03 -13.92 8.64
C LEU C 62 4.30 -14.73 8.88
N THR C 63 4.37 -15.32 10.07
CA THR C 63 5.55 -16.09 10.45
C THR C 63 5.36 -17.55 10.06
N PRO C 64 6.31 -18.15 9.34
CA PRO C 64 6.21 -19.58 9.03
C PRO C 64 6.32 -20.43 10.29
N GLY C 65 5.53 -21.49 10.34
CA GLY C 65 5.53 -22.39 11.47
C GLY C 65 4.68 -21.97 12.64
N VAL C 66 3.73 -21.06 12.42
CA VAL C 66 2.85 -20.57 13.48
C VAL C 66 1.42 -20.96 13.14
N GLU C 67 0.70 -21.51 14.12
CA GLU C 67 -0.70 -21.82 13.92
C GLU C 67 -1.52 -20.53 13.96
N TYR C 68 -2.36 -20.33 12.94
CA TYR C 68 -3.14 -19.12 12.80
C TYR C 68 -4.63 -19.48 12.72
N VAL C 69 -5.43 -18.80 13.52
CA VAL C 69 -6.88 -18.86 13.37
C VAL C 69 -7.30 -17.73 12.44
N TYR C 70 -7.86 -18.08 11.28
CA TYR C 70 -8.32 -17.10 10.32
C TYR C 70 -9.81 -17.28 10.07
N THR C 71 -10.55 -16.18 10.18
CA THR C 71 -12.01 -16.18 10.10
C THR C 71 -12.45 -15.41 8.86
N ILE C 72 -13.43 -15.97 8.14
CA ILE C 72 -13.96 -15.38 6.92
C ILE C 72 -15.40 -14.98 7.18
N GLN C 73 -15.71 -13.70 6.93
CA GLN C 73 -17.05 -13.15 7.13
C GLN C 73 -17.53 -12.56 5.82
N VAL C 74 -18.67 -13.04 5.33
CA VAL C 74 -19.27 -12.47 4.14
C VAL C 74 -20.09 -11.25 4.53
N LEU C 75 -19.99 -10.19 3.72
CA LEU C 75 -20.62 -8.91 4.00
C LEU C 75 -21.52 -8.54 2.83
N ARG C 76 -22.75 -8.13 3.14
CA ARG C 76 -23.69 -7.63 2.12
C ARG C 76 -23.99 -6.17 2.46
N ASP C 77 -23.54 -5.27 1.59
CA ASP C 77 -23.63 -3.82 1.84
C ASP C 77 -22.95 -3.44 3.15
N GLY C 78 -21.83 -4.11 3.44
CA GLY C 78 -21.08 -3.82 4.65
C GLY C 78 -21.70 -4.31 5.93
N GLN C 79 -22.52 -5.37 5.86
CA GLN C 79 -23.15 -5.95 7.04
C GLN C 79 -22.95 -7.46 7.03
N GLU C 80 -22.50 -7.99 8.17
CA GLU C 80 -22.18 -9.41 8.27
C GLU C 80 -23.41 -10.27 8.05
N ARG C 81 -23.42 -11.00 6.92
CA ARG C 81 -24.60 -11.72 6.49
C ARG C 81 -24.93 -12.88 7.42
N ASP C 82 -24.04 -13.86 7.51
CA ASP C 82 -24.25 -15.06 8.31
C ASP C 82 -23.12 -15.20 9.33
N ALA C 83 -23.13 -16.33 10.04
CA ALA C 83 -22.14 -16.55 11.08
C ALA C 83 -20.74 -16.62 10.48
N PRO C 84 -19.73 -16.16 11.20
CA PRO C 84 -18.36 -16.20 10.67
C PRO C 84 -17.84 -17.61 10.56
N ILE C 85 -16.99 -17.83 9.56
CA ILE C 85 -16.39 -19.13 9.29
C ILE C 85 -14.99 -19.12 9.87
N VAL C 86 -14.78 -19.88 10.93
CA VAL C 86 -13.50 -19.93 11.63
C VAL C 86 -12.71 -21.14 11.15
N ASN C 87 -11.46 -20.91 10.74
CA ASN C 87 -10.57 -21.96 10.28
C ASN C 87 -9.23 -21.85 10.99
N LYS C 88 -8.41 -22.89 10.83
CA LYS C 88 -7.10 -22.96 11.45
C LYS C 88 -6.10 -23.51 10.45
N VAL C 89 -4.95 -22.85 10.32
CA VAL C 89 -3.91 -23.28 9.40
C VAL C 89 -2.55 -22.99 10.02
N VAL C 90 -1.59 -23.88 9.76
CA VAL C 90 -0.22 -23.71 10.20
C VAL C 90 0.62 -23.30 9.00
N THR C 91 1.32 -22.19 9.12
CA THR C 91 2.14 -21.70 8.02
C THR C 91 3.29 -22.66 7.76
N PRO C 92 3.47 -23.15 6.52
CA PRO C 92 4.54 -24.08 6.15
C PRO C 92 5.93 -23.45 6.17
N GLY D 3 -48.31 -5.40 17.24
CA GLY D 3 -48.43 -4.46 18.35
C GLY D 3 -47.38 -3.36 18.29
N LEU D 4 -47.83 -2.12 18.31
CA LEU D 4 -46.97 -0.96 18.14
C LEU D 4 -47.09 -0.02 19.33
N GLN D 5 -46.11 0.86 19.47
CA GLN D 5 -46.03 1.80 20.58
C GLN D 5 -45.91 3.23 20.05
N PRO D 6 -46.48 4.20 20.77
CA PRO D 6 -46.38 5.60 20.33
C PRO D 6 -44.96 6.08 20.07
N GLY D 7 -43.96 5.47 20.70
CA GLY D 7 -42.60 5.92 20.45
C GLY D 7 -41.99 6.48 21.71
N SER D 8 -40.77 6.04 22.01
CA SER D 8 -40.05 6.48 23.19
C SER D 8 -38.79 7.22 22.76
N SER D 9 -37.94 7.52 23.76
CA SER D 9 -36.69 8.22 23.49
C SER D 9 -35.87 7.47 22.46
N ILE D 10 -35.41 8.21 21.46
CA ILE D 10 -34.71 7.66 20.30
C ILE D 10 -33.20 7.71 20.59
N PRO D 11 -32.42 6.75 20.13
CA PRO D 11 -30.98 6.96 20.02
C PRO D 11 -30.70 7.92 18.87
N PRO D 12 -30.20 9.11 19.17
CA PRO D 12 -30.00 10.10 18.10
C PRO D 12 -29.15 9.54 16.97
N TYR D 13 -29.67 9.61 15.76
CA TYR D 13 -28.95 9.14 14.58
C TYR D 13 -28.61 10.33 13.69
N ASN D 14 -27.45 10.23 13.03
CA ASN D 14 -26.99 11.24 12.09
C ASN D 14 -27.21 10.74 10.67
N THR D 15 -27.68 11.65 9.81
CA THR D 15 -28.00 11.31 8.43
C THR D 15 -27.10 12.11 7.50
N GLU D 16 -26.40 11.42 6.60
CA GLU D 16 -25.60 12.05 5.58
C GLU D 16 -26.04 11.55 4.21
N VAL D 17 -26.25 12.48 3.27
CA VAL D 17 -26.71 12.16 1.93
C VAL D 17 -25.74 12.81 0.95
N THR D 18 -25.18 11.99 0.05
CA THR D 18 -24.31 12.50 -1.00
C THR D 18 -24.90 12.17 -2.36
N GLU D 19 -24.05 12.16 -3.40
CA GLU D 19 -24.53 11.89 -4.75
C GLU D 19 -24.89 10.43 -4.97
N THR D 20 -24.43 9.52 -4.10
CA THR D 20 -24.72 8.10 -4.28
C THR D 20 -25.00 7.35 -2.99
N THR D 21 -24.75 7.91 -1.82
CA THR D 21 -24.84 7.18 -0.56
C THR D 21 -25.78 7.88 0.41
N ILE D 22 -26.40 7.06 1.26
CA ILE D 22 -27.14 7.53 2.43
C ILE D 22 -26.56 6.79 3.63
N VAL D 23 -26.04 7.53 4.60
CA VAL D 23 -25.34 6.96 5.74
C VAL D 23 -26.06 7.37 7.02
N ILE D 24 -26.32 6.38 7.88
CA ILE D 24 -26.86 6.62 9.22
C ILE D 24 -25.81 6.20 10.23
N THR D 25 -25.52 7.08 11.19
CA THR D 25 -24.56 6.79 12.24
C THR D 25 -25.18 7.07 13.61
N TRP D 26 -24.81 6.26 14.58
CA TRP D 26 -25.31 6.40 15.94
C TRP D 26 -24.38 5.62 16.87
N THR D 27 -24.34 6.05 18.12
CA THR D 27 -23.54 5.35 19.12
C THR D 27 -24.19 4.01 19.44
N PRO D 28 -23.52 2.88 19.21
CA PRO D 28 -24.16 1.58 19.47
C PRO D 28 -24.51 1.40 20.94
N ALA D 29 -25.72 0.91 21.19
CA ALA D 29 -26.22 0.68 22.53
C ALA D 29 -26.84 -0.70 22.60
N PRO D 30 -26.78 -1.35 23.76
CA PRO D 30 -27.37 -2.70 23.88
C PRO D 30 -28.88 -2.65 23.78
N ARG D 31 -29.43 -3.61 23.02
CA ARG D 31 -30.87 -3.84 22.76
C ARG D 31 -31.46 -2.92 21.69
N ILE D 32 -30.64 -2.15 20.97
CA ILE D 32 -31.15 -1.21 19.98
C ILE D 32 -30.40 -1.39 18.67
N GLY D 33 -31.15 -1.52 17.57
CA GLY D 33 -30.59 -1.51 16.23
C GLY D 33 -31.39 -0.59 15.33
N PHE D 34 -30.90 -0.44 14.11
CA PHE D 34 -31.55 0.40 13.12
C PHE D 34 -31.71 -0.36 11.81
N LYS D 35 -32.71 0.04 11.03
CA LYS D 35 -33.05 -0.64 9.78
C LYS D 35 -33.44 0.41 8.76
N LEU D 36 -32.65 0.51 7.69
CA LEU D 36 -32.81 1.53 6.66
C LEU D 36 -33.39 0.89 5.40
N GLY D 37 -34.24 1.65 4.70
CA GLY D 37 -34.82 1.17 3.46
C GLY D 37 -35.02 2.25 2.41
N VAL D 38 -34.37 2.10 1.25
CA VAL D 38 -34.47 3.07 0.16
C VAL D 38 -35.18 2.44 -1.02
N ARG D 39 -36.03 3.23 -1.69
CA ARG D 39 -36.62 2.86 -2.96
C ARG D 39 -36.80 4.15 -3.73
N PRO D 40 -36.61 4.13 -5.05
CA PRO D 40 -36.84 5.34 -5.85
C PRO D 40 -38.33 5.67 -5.89
N SER D 41 -38.66 6.89 -5.46
CA SER D 41 -40.03 7.37 -5.57
C SER D 41 -40.44 7.41 -7.04
N GLN D 42 -41.75 7.54 -7.26
CA GLN D 42 -42.32 7.54 -8.61
C GLN D 42 -41.87 6.31 -9.39
N GLY D 43 -41.70 5.19 -8.67
CA GLY D 43 -41.41 3.93 -9.30
C GLY D 43 -42.08 2.82 -8.52
N GLY D 44 -42.19 1.66 -9.17
CA GLY D 44 -42.70 0.49 -8.50
C GLY D 44 -41.65 -0.41 -7.91
N GLU D 45 -40.40 0.03 -7.86
CA GLU D 45 -39.31 -0.85 -7.47
C GLU D 45 -39.40 -1.22 -6.00
N ALA D 46 -39.06 -2.47 -5.70
CA ALA D 46 -39.03 -2.93 -4.32
C ALA D 46 -37.90 -2.25 -3.55
N PRO D 47 -38.10 -1.98 -2.26
CA PRO D 47 -37.07 -1.29 -1.49
C PRO D 47 -35.91 -2.19 -1.11
N ARG D 48 -34.74 -1.57 -0.94
CA ARG D 48 -33.55 -2.25 -0.44
C ARG D 48 -33.38 -1.91 1.03
N GLU D 49 -33.12 -2.92 1.85
CA GLU D 49 -33.11 -2.76 3.29
C GLU D 49 -31.78 -3.23 3.87
N VAL D 50 -31.25 -2.45 4.81
CA VAL D 50 -29.99 -2.76 5.49
C VAL D 50 -30.20 -2.59 6.99
N THR D 51 -29.88 -3.63 7.76
CA THR D 51 -30.04 -3.64 9.20
C THR D 51 -28.67 -3.74 9.87
N SER D 52 -28.51 -3.06 11.01
CA SER D 52 -27.23 -3.07 11.69
C SER D 52 -27.39 -2.61 13.14
N ASP D 53 -26.64 -3.25 14.03
CA ASP D 53 -26.40 -2.74 15.38
C ASP D 53 -25.01 -2.12 15.51
N SER D 54 -24.22 -2.13 14.44
CA SER D 54 -22.84 -1.66 14.48
C SER D 54 -22.73 -0.15 14.70
N GLY D 55 -23.83 0.58 14.61
CA GLY D 55 -23.77 2.03 14.66
C GLY D 55 -23.54 2.69 13.31
N SER D 56 -23.65 1.95 12.22
CA SER D 56 -23.41 2.48 10.88
C SER D 56 -24.25 1.71 9.88
N ILE D 57 -24.96 2.42 9.02
CA ILE D 57 -25.75 1.83 7.95
C ILE D 57 -25.54 2.65 6.69
N VAL D 58 -25.04 2.01 5.64
CA VAL D 58 -24.74 2.68 4.38
C VAL D 58 -25.52 2.01 3.26
N VAL D 59 -26.18 2.81 2.44
CA VAL D 59 -26.84 2.35 1.22
C VAL D 59 -26.17 3.07 0.07
N SER D 60 -25.34 2.35 -0.69
CA SER D 60 -24.57 2.92 -1.77
C SER D 60 -25.31 2.73 -3.10
N GLY D 61 -24.65 3.04 -4.20
CA GLY D 61 -25.17 2.75 -5.51
C GLY D 61 -26.39 3.53 -5.94
N LEU D 62 -26.69 4.65 -5.27
CA LEU D 62 -27.82 5.46 -5.68
C LEU D 62 -27.48 6.27 -6.93
N THR D 63 -28.48 6.48 -7.76
CA THR D 63 -28.29 7.26 -8.98
C THR D 63 -28.33 8.74 -8.66
N PRO D 64 -27.39 9.54 -9.18
CA PRO D 64 -27.43 10.99 -8.91
C PRO D 64 -28.58 11.66 -9.64
N GLY D 65 -29.36 12.45 -8.89
CA GLY D 65 -30.39 13.28 -9.47
C GLY D 65 -31.80 12.69 -9.50
N VAL D 66 -32.05 11.61 -8.77
CA VAL D 66 -33.36 10.98 -8.73
C VAL D 66 -33.86 10.95 -7.30
N GLU D 67 -35.15 11.20 -7.13
CA GLU D 67 -35.75 11.26 -5.80
C GLU D 67 -35.89 9.86 -5.21
N TYR D 68 -35.48 9.70 -3.95
CA TYR D 68 -35.58 8.44 -3.24
C TYR D 68 -36.44 8.63 -2.00
N VAL D 69 -37.24 7.61 -1.69
CA VAL D 69 -37.95 7.52 -0.42
C VAL D 69 -37.16 6.58 0.47
N TYR D 70 -36.60 7.10 1.56
CA TYR D 70 -35.83 6.29 2.49
C TYR D 70 -36.48 6.33 3.87
N THR D 71 -36.59 5.16 4.49
CA THR D 71 -37.26 4.99 5.77
C THR D 71 -36.28 4.49 6.81
N ILE D 72 -36.48 4.93 8.05
CA ILE D 72 -35.64 4.54 9.18
C ILE D 72 -36.53 3.85 10.21
N GLN D 73 -36.12 2.66 10.65
CA GLN D 73 -36.89 1.85 11.57
C GLN D 73 -36.06 1.56 12.81
N VAL D 74 -36.54 2.03 13.96
CA VAL D 74 -35.91 1.69 15.24
C VAL D 74 -36.26 0.24 15.59
N LEU D 75 -35.27 -0.50 16.09
CA LEU D 75 -35.44 -1.90 16.45
C LEU D 75 -35.06 -2.10 17.90
N ARG D 76 -36.03 -2.53 18.71
CA ARG D 76 -35.79 -2.93 20.08
C ARG D 76 -35.86 -4.45 20.16
N ASP D 77 -34.76 -5.08 20.58
CA ASP D 77 -34.61 -6.53 20.55
C ASP D 77 -34.75 -7.09 19.13
N GLY D 78 -34.35 -6.29 18.14
CA GLY D 78 -34.52 -6.70 16.76
C GLY D 78 -35.97 -6.83 16.33
N GLN D 79 -36.89 -6.15 16.99
CA GLN D 79 -38.30 -6.19 16.67
C GLN D 79 -38.77 -4.82 16.21
N GLU D 80 -39.52 -4.78 15.13
CA GLU D 80 -40.13 -3.55 14.62
C GLU D 80 -41.22 -3.12 15.59
N ARG D 81 -40.90 -2.17 16.46
CA ARG D 81 -41.80 -1.74 17.52
C ARG D 81 -42.47 -0.40 17.22
N ASP D 82 -41.70 0.59 16.78
CA ASP D 82 -42.24 1.91 16.48
C ASP D 82 -42.68 2.01 15.03
N ALA D 83 -43.37 3.09 14.71
CA ALA D 83 -43.75 3.36 13.34
C ALA D 83 -42.52 3.76 12.53
N PRO D 84 -42.50 3.42 11.24
CA PRO D 84 -41.34 3.79 10.41
C PRO D 84 -41.25 5.29 10.21
N ILE D 85 -40.03 5.82 10.39
CA ILE D 85 -39.74 7.23 10.09
C ILE D 85 -39.46 7.30 8.59
N VAL D 86 -40.42 7.77 7.83
CA VAL D 86 -40.26 7.82 6.39
C VAL D 86 -39.72 9.19 6.00
N ASN D 87 -38.81 9.22 5.05
CA ASN D 87 -38.22 10.44 4.53
C ASN D 87 -38.08 10.30 3.01
N LYS D 88 -38.01 11.44 2.32
CA LYS D 88 -37.65 11.45 0.92
C LYS D 88 -36.57 12.50 0.69
N VAL D 89 -35.65 12.20 -0.22
CA VAL D 89 -34.54 13.08 -0.54
C VAL D 89 -34.26 12.97 -2.03
N VAL D 90 -33.94 14.09 -2.67
CA VAL D 90 -33.50 14.13 -4.05
C VAL D 90 -31.99 14.15 -4.05
N THR D 91 -31.39 13.15 -4.65
CA THR D 91 -29.94 12.99 -4.60
C THR D 91 -29.26 14.09 -5.41
N PRO D 92 -28.23 14.76 -4.87
CA PRO D 92 -27.48 15.80 -5.58
C PRO D 92 -26.72 15.26 -6.80
N SER E 9 16.16 -25.40 -13.70
CA SER E 9 15.64 -24.34 -14.55
C SER E 9 15.62 -23.01 -13.82
N ILE E 10 14.54 -22.82 -13.07
CA ILE E 10 14.21 -21.58 -12.38
C ILE E 10 13.87 -21.97 -10.95
N PRO E 11 14.17 -21.15 -9.94
CA PRO E 11 13.63 -21.40 -8.60
C PRO E 11 12.12 -21.64 -8.67
N PRO E 12 11.66 -22.82 -8.29
CA PRO E 12 10.26 -23.18 -8.53
C PRO E 12 9.30 -22.20 -7.90
N TYR E 13 8.24 -21.87 -8.64
CA TYR E 13 7.24 -20.93 -8.16
C TYR E 13 5.84 -21.42 -8.53
N ASN E 14 4.89 -21.13 -7.65
CA ASN E 14 3.48 -21.39 -7.92
C ASN E 14 2.86 -20.18 -8.59
N THR E 15 1.85 -20.43 -9.43
CA THR E 15 1.08 -19.37 -10.07
C THR E 15 -0.39 -19.67 -9.91
N GLU E 16 -1.14 -18.72 -9.36
CA GLU E 16 -2.58 -18.86 -9.16
C GLU E 16 -3.29 -17.74 -9.89
N VAL E 17 -4.24 -18.10 -10.76
CA VAL E 17 -4.96 -17.15 -11.59
C VAL E 17 -6.42 -17.18 -11.19
N THR E 18 -6.99 -16.00 -10.92
CA THR E 18 -8.42 -15.85 -10.73
C THR E 18 -8.95 -14.76 -11.65
N GLU E 19 -10.19 -14.33 -11.44
CA GLU E 19 -10.77 -13.29 -12.28
C GLU E 19 -10.16 -11.92 -12.01
N THR E 20 -9.59 -11.72 -10.83
CA THR E 20 -9.01 -10.43 -10.46
C THR E 20 -7.56 -10.52 -10.02
N THR E 21 -7.01 -11.70 -9.81
CA THR E 21 -5.68 -11.85 -9.22
C THR E 21 -4.78 -12.74 -10.06
N ILE E 22 -3.51 -12.34 -10.13
CA ILE E 22 -2.42 -13.21 -10.55
C ILE E 22 -1.38 -13.15 -9.44
N VAL E 23 -1.20 -14.25 -8.72
CA VAL E 23 -0.23 -14.31 -7.63
C VAL E 23 0.82 -15.34 -7.96
N ILE E 24 2.06 -15.07 -7.58
CA ILE E 24 3.16 -16.01 -7.70
C ILE E 24 3.83 -16.15 -6.34
N THR E 25 4.15 -17.39 -5.97
CA THR E 25 4.78 -17.68 -4.69
C THR E 25 5.97 -18.60 -4.91
N TRP E 26 6.95 -18.48 -4.03
CA TRP E 26 8.18 -19.28 -4.15
C TRP E 26 8.84 -19.35 -2.78
N THR E 27 9.83 -20.24 -2.68
CA THR E 27 10.65 -20.33 -1.48
C THR E 27 11.63 -19.17 -1.46
N PRO E 28 11.51 -18.24 -0.52
CA PRO E 28 12.44 -17.12 -0.46
C PRO E 28 13.83 -17.60 -0.05
N ALA E 29 14.80 -17.37 -0.93
CA ALA E 29 16.21 -17.61 -0.67
C ALA E 29 16.97 -16.30 -0.74
N PRO E 30 18.12 -16.19 -0.09
CA PRO E 30 18.83 -14.91 -0.09
C PRO E 30 19.35 -14.55 -1.47
N ARG E 31 19.24 -13.27 -1.80
CA ARG E 31 19.73 -12.62 -3.01
C ARG E 31 18.90 -12.94 -4.25
N ILE E 32 17.98 -13.89 -4.19
CA ILE E 32 17.10 -14.20 -5.31
C ILE E 32 15.78 -13.48 -5.07
N GLY E 33 15.30 -12.78 -6.11
CA GLY E 33 14.02 -12.11 -6.06
C GLY E 33 13.27 -12.31 -7.36
N PHE E 34 12.02 -11.88 -7.36
CA PHE E 34 11.16 -12.02 -8.53
C PHE E 34 10.54 -10.68 -8.87
N LYS E 35 10.43 -10.41 -10.16
CA LYS E 35 9.77 -9.21 -10.67
C LYS E 35 8.71 -9.64 -11.67
N LEU E 36 7.46 -9.30 -11.37
CA LEU E 36 6.32 -9.67 -12.19
C LEU E 36 5.76 -8.44 -12.89
N GLY E 37 5.44 -8.59 -14.17
CA GLY E 37 4.87 -7.50 -14.93
C GLY E 37 3.63 -7.91 -15.71
N VAL E 38 2.51 -7.23 -15.48
CA VAL E 38 1.23 -7.57 -16.11
C VAL E 38 0.79 -6.43 -16.99
N ARG E 39 0.61 -6.70 -18.28
CA ARG E 39 0.03 -5.76 -19.23
C ARG E 39 -1.03 -6.49 -20.05
N PRO E 40 -2.25 -5.96 -20.14
CA PRO E 40 -3.28 -6.63 -20.94
C PRO E 40 -3.00 -6.47 -22.43
N SER E 41 -3.10 -7.58 -23.16
CA SER E 41 -2.97 -7.55 -24.61
C SER E 41 -4.17 -6.80 -25.21
N GLN E 42 -3.89 -5.82 -26.07
CA GLN E 42 -4.92 -4.91 -26.57
C GLN E 42 -5.71 -4.33 -25.40
N GLY E 43 -4.97 -3.78 -24.44
CA GLY E 43 -5.52 -3.56 -23.12
C GLY E 43 -6.18 -2.23 -22.85
N GLY E 44 -5.47 -1.13 -23.07
CA GLY E 44 -5.96 0.14 -22.58
C GLY E 44 -5.93 0.24 -21.07
N GLU E 45 -4.97 -0.44 -20.44
CA GLU E 45 -4.85 -0.50 -18.98
C GLU E 45 -3.37 -0.45 -18.63
N ALA E 46 -3.03 0.36 -17.63
CA ALA E 46 -1.64 0.64 -17.34
C ALA E 46 -0.92 -0.61 -16.85
N PRO E 47 0.33 -0.82 -17.26
CA PRO E 47 1.07 -2.00 -16.80
C PRO E 47 1.42 -1.91 -15.33
N ARG E 48 1.54 -3.07 -14.70
CA ARG E 48 1.92 -3.20 -13.30
C ARG E 48 3.24 -3.94 -13.20
N GLU E 49 4.11 -3.46 -12.31
CA GLU E 49 5.44 -4.06 -12.10
C GLU E 49 5.66 -4.23 -10.61
N VAL E 50 5.79 -5.47 -10.16
CA VAL E 50 5.94 -5.80 -8.75
C VAL E 50 7.20 -6.63 -8.57
N THR E 51 8.09 -6.17 -7.71
CA THR E 51 9.30 -6.89 -7.34
C THR E 51 9.27 -7.18 -5.84
N SER E 52 9.74 -8.37 -5.45
CA SER E 52 9.70 -8.72 -4.04
C SER E 52 10.69 -9.83 -3.75
N ASP E 53 11.01 -9.97 -2.47
CA ASP E 53 11.82 -11.04 -1.93
C ASP E 53 11.04 -11.95 -0.99
N SER E 54 9.82 -11.58 -0.62
CA SER E 54 9.06 -12.23 0.43
C SER E 54 8.73 -13.68 0.11
N GLY E 55 8.87 -14.11 -1.14
CA GLY E 55 8.29 -15.36 -1.58
C GLY E 55 6.86 -15.23 -2.04
N SER E 56 6.38 -14.01 -2.26
CA SER E 56 4.98 -13.77 -2.56
C SER E 56 4.84 -12.47 -3.35
N ILE E 57 4.15 -12.53 -4.47
CA ILE E 57 3.82 -11.36 -5.27
C ILE E 57 2.35 -11.47 -5.67
N VAL E 58 1.56 -10.46 -5.33
CA VAL E 58 0.13 -10.46 -5.57
C VAL E 58 -0.23 -9.28 -6.45
N VAL E 59 -0.87 -9.56 -7.59
CA VAL E 59 -1.44 -8.53 -8.45
C VAL E 59 -2.95 -8.69 -8.38
N SER E 60 -3.63 -7.67 -7.86
CA SER E 60 -5.07 -7.70 -7.67
C SER E 60 -5.72 -6.61 -8.52
N GLY E 61 -7.05 -6.56 -8.46
CA GLY E 61 -7.79 -5.54 -9.18
C GLY E 61 -7.83 -5.72 -10.68
N LEU E 62 -7.54 -6.92 -11.18
CA LEU E 62 -7.61 -7.18 -12.60
C LEU E 62 -9.07 -7.35 -13.04
N THR E 63 -9.34 -6.96 -14.27
CA THR E 63 -10.69 -7.06 -14.81
C THR E 63 -10.95 -8.50 -15.27
N PRO E 64 -12.10 -9.08 -14.95
CA PRO E 64 -12.42 -10.42 -15.46
C PRO E 64 -12.78 -10.36 -16.94
N GLY E 65 -12.19 -11.26 -17.73
CA GLY E 65 -12.54 -11.40 -19.12
C GLY E 65 -11.58 -10.77 -20.12
N VAL E 66 -10.46 -10.21 -19.67
CA VAL E 66 -9.48 -9.58 -20.53
C VAL E 66 -8.17 -10.37 -20.46
N GLU E 67 -7.53 -10.55 -21.61
CA GLU E 67 -6.30 -11.33 -21.65
C GLU E 67 -5.11 -10.48 -21.23
N TYR E 68 -4.27 -11.03 -20.37
CA TYR E 68 -3.11 -10.34 -19.82
C TYR E 68 -1.84 -11.07 -20.25
N VAL E 69 -0.87 -10.31 -20.75
CA VAL E 69 0.49 -10.81 -20.92
C VAL E 69 1.24 -10.50 -19.64
N TYR E 70 1.66 -11.53 -18.93
CA TYR E 70 2.36 -11.37 -17.66
C TYR E 70 3.72 -12.04 -17.74
N THR E 71 4.78 -11.26 -17.47
CA THR E 71 6.15 -11.71 -17.55
C THR E 71 6.72 -11.90 -16.15
N ILE E 72 7.46 -12.98 -15.96
CA ILE E 72 8.09 -13.30 -14.68
C ILE E 72 9.60 -13.26 -14.87
N GLN E 73 10.25 -12.32 -14.20
CA GLN E 73 11.70 -12.16 -14.29
C GLN E 73 12.35 -12.77 -13.05
N VAL E 74 13.26 -13.71 -13.27
CA VAL E 74 14.00 -14.34 -12.18
C VAL E 74 15.39 -13.72 -12.15
N LEU E 75 15.72 -13.04 -11.05
CA LEU E 75 16.95 -12.29 -10.95
C LEU E 75 17.63 -12.54 -9.63
N ARG E 76 18.91 -12.19 -9.58
CA ARG E 76 19.70 -12.14 -8.37
C ARG E 76 20.52 -10.86 -8.43
N ASP E 77 20.40 -10.03 -7.39
CA ASP E 77 20.92 -8.66 -7.39
C ASP E 77 20.21 -7.79 -8.43
N GLY E 78 18.96 -8.14 -8.73
CA GLY E 78 18.11 -7.37 -9.62
C GLY E 78 18.57 -7.23 -11.06
N GLN E 79 19.48 -8.08 -11.55
CA GLN E 79 20.10 -7.78 -12.84
C GLN E 79 19.28 -8.28 -14.02
N GLU E 80 18.28 -9.13 -13.76
CA GLU E 80 17.45 -9.73 -14.81
C GLU E 80 18.30 -10.62 -15.71
N ARG E 81 18.97 -11.59 -15.08
CA ARG E 81 20.04 -12.36 -15.72
C ARG E 81 19.54 -13.19 -16.91
N ASP E 82 18.47 -13.95 -16.73
CA ASP E 82 17.85 -14.70 -17.80
C ASP E 82 16.80 -13.85 -18.48
N ALA E 83 16.36 -14.31 -19.64
CA ALA E 83 15.25 -13.67 -20.32
C ALA E 83 14.01 -13.73 -19.43
N PRO E 84 13.10 -12.77 -19.60
CA PRO E 84 11.84 -12.83 -18.86
C PRO E 84 10.95 -13.95 -19.36
N ILE E 85 10.31 -14.65 -18.42
CA ILE E 85 9.39 -15.73 -18.73
C ILE E 85 8.03 -15.09 -18.98
N VAL E 86 7.71 -14.86 -20.25
CA VAL E 86 6.46 -14.19 -20.62
C VAL E 86 5.39 -15.24 -20.85
N ASN E 87 4.22 -15.04 -20.24
CA ASN E 87 3.08 -15.93 -20.40
C ASN E 87 1.85 -15.10 -20.75
N LYS E 88 0.79 -15.80 -21.12
CA LYS E 88 -0.48 -15.17 -21.48
C LYS E 88 -1.60 -15.90 -20.77
N VAL E 89 -2.35 -15.18 -19.94
CA VAL E 89 -3.53 -15.72 -19.27
C VAL E 89 -4.62 -14.67 -19.32
N VAL E 90 -5.85 -15.11 -19.52
CA VAL E 90 -7.03 -14.25 -19.57
C VAL E 90 -7.86 -14.51 -18.33
N THR E 91 -8.31 -13.44 -17.68
CA THR E 91 -9.01 -13.59 -16.43
C THR E 91 -10.38 -14.22 -16.66
N PRO E 92 -10.77 -15.23 -15.86
CA PRO E 92 -12.08 -15.89 -15.95
C PRO E 92 -13.23 -14.95 -15.58
N SER F 9 -24.08 22.24 -14.86
CA SER F 9 -22.89 21.93 -14.08
C SER F 9 -22.97 22.54 -12.68
N ILE F 10 -23.87 21.99 -11.87
CA ILE F 10 -24.10 22.48 -10.52
C ILE F 10 -23.20 21.71 -9.56
N PRO F 11 -22.48 22.39 -8.67
CA PRO F 11 -21.60 21.68 -7.73
C PRO F 11 -22.39 20.79 -6.80
N PRO F 12 -21.94 19.55 -6.61
CA PRO F 12 -22.64 18.66 -5.67
C PRO F 12 -22.54 19.17 -4.24
N TYR F 13 -23.58 18.89 -3.45
CA TYR F 13 -23.63 19.33 -2.07
C TYR F 13 -23.84 18.15 -1.14
N ASN F 14 -23.28 18.26 0.06
CA ASN F 14 -23.42 17.27 1.11
C ASN F 14 -24.51 17.73 2.08
N THR F 15 -25.34 16.77 2.51
CA THR F 15 -26.47 17.07 3.39
C THR F 15 -26.32 16.29 4.68
N GLU F 16 -26.32 16.99 5.80
CA GLU F 16 -26.29 16.39 7.13
C GLU F 16 -27.52 16.81 7.90
N VAL F 17 -28.13 15.86 8.63
CA VAL F 17 -29.33 16.10 9.41
C VAL F 17 -29.12 15.52 10.79
N THR F 18 -29.24 16.37 11.81
CA THR F 18 -29.22 15.95 13.21
C THR F 18 -30.59 16.26 13.83
N GLU F 19 -30.68 16.12 15.16
CA GLU F 19 -31.92 16.40 15.85
C GLU F 19 -32.35 17.86 15.69
N THR F 20 -31.39 18.77 15.61
CA THR F 20 -31.67 20.19 15.61
C THR F 20 -31.16 20.94 14.40
N THR F 21 -30.32 20.34 13.57
CA THR F 21 -29.60 21.07 12.53
C THR F 21 -29.72 20.37 11.19
N ILE F 22 -29.77 21.17 10.12
CA ILE F 22 -29.67 20.70 8.75
C ILE F 22 -28.54 21.47 8.09
N VAL F 23 -27.53 20.76 7.60
CA VAL F 23 -26.30 21.36 7.09
C VAL F 23 -26.14 20.98 5.62
N ILE F 24 -25.86 21.98 4.79
CA ILE F 24 -25.56 21.77 3.37
C ILE F 24 -24.19 22.37 3.09
N THR F 25 -23.24 21.52 2.70
CA THR F 25 -21.88 21.94 2.38
C THR F 25 -21.60 21.67 0.91
N TRP F 26 -20.70 22.47 0.34
CA TRP F 26 -20.28 22.29 -1.04
C TRP F 26 -18.99 23.09 -1.25
N THR F 27 -18.27 22.72 -2.31
CA THR F 27 -17.05 23.44 -2.66
C THR F 27 -17.43 24.75 -3.34
N PRO F 28 -17.01 25.91 -2.82
CA PRO F 28 -17.42 27.19 -3.41
C PRO F 28 -16.90 27.34 -4.83
N ALA F 29 -17.79 27.76 -5.73
CA ALA F 29 -17.46 28.04 -7.11
C ALA F 29 -17.94 29.44 -7.47
N PRO F 30 -17.19 30.16 -8.32
CA PRO F 30 -17.60 31.52 -8.67
C PRO F 30 -18.95 31.54 -9.40
N ARG F 31 -19.66 32.65 -9.24
CA ARG F 31 -20.98 32.90 -9.83
C ARG F 31 -22.00 31.84 -9.45
N ILE F 32 -21.82 31.17 -8.31
CA ILE F 32 -22.73 30.11 -7.88
C ILE F 32 -22.87 30.16 -6.37
N GLY F 33 -24.11 30.14 -5.89
CA GLY F 33 -24.42 30.08 -4.48
C GLY F 33 -25.57 29.15 -4.20
N PHE F 34 -26.02 29.09 -2.95
CA PHE F 34 -27.09 28.17 -2.57
C PHE F 34 -28.08 28.86 -1.65
N LYS F 35 -29.34 28.42 -1.73
CA LYS F 35 -30.42 28.93 -0.89
C LYS F 35 -31.21 27.75 -0.35
N LEU F 36 -31.28 27.65 0.98
CA LEU F 36 -31.98 26.57 1.65
C LEU F 36 -33.17 27.12 2.43
N GLY F 37 -34.32 26.45 2.30
CA GLY F 37 -35.51 26.83 3.04
C GLY F 37 -36.08 25.68 3.84
N VAL F 38 -36.18 25.83 5.14
CA VAL F 38 -36.72 24.79 5.97
C VAL F 38 -38.00 25.30 6.59
N ARG F 39 -38.98 24.42 6.74
CA ARG F 39 -40.26 24.70 7.32
C ARG F 39 -40.85 23.39 7.73
N PRO F 40 -41.73 23.35 8.81
CA PRO F 40 -42.30 22.03 9.12
C PRO F 40 -43.39 21.60 8.18
N SER F 41 -43.55 20.31 7.99
CA SER F 41 -44.50 19.79 7.02
C SER F 41 -45.92 20.22 7.35
N GLN F 42 -46.36 19.98 8.58
CA GLN F 42 -47.68 20.42 9.03
C GLN F 42 -47.60 21.51 10.10
N GLY F 43 -46.46 21.63 10.79
CA GLY F 43 -46.40 22.48 11.96
C GLY F 43 -46.47 23.96 11.64
N GLY F 44 -46.75 24.72 12.69
CA GLY F 44 -46.65 26.16 12.64
C GLY F 44 -45.34 26.63 13.27
N GLU F 45 -44.31 26.79 12.43
CA GLU F 45 -43.01 27.24 12.90
C GLU F 45 -42.49 28.27 11.90
N ALA F 46 -41.22 28.62 12.04
CA ALA F 46 -40.61 29.65 11.20
C ALA F 46 -40.05 29.04 9.93
N PRO F 47 -40.61 29.34 8.75
CA PRO F 47 -39.91 28.99 7.50
C PRO F 47 -38.59 29.73 7.40
N ARG F 48 -37.50 29.04 7.69
CA ARG F 48 -36.18 29.66 7.77
C ARG F 48 -35.47 29.55 6.43
N GLU F 49 -34.86 30.65 5.99
CA GLU F 49 -34.16 30.73 4.72
C GLU F 49 -32.73 31.16 4.95
N VAL F 50 -31.78 30.48 4.28
CA VAL F 50 -30.36 30.78 4.38
C VAL F 50 -29.79 30.87 2.97
N THR F 51 -29.08 31.96 2.69
CA THR F 51 -28.41 32.16 1.41
C THR F 51 -26.91 32.30 1.65
N SER F 52 -26.12 31.57 0.88
CA SER F 52 -24.68 31.53 1.10
C SER F 52 -23.95 31.19 -0.18
N ASP F 53 -22.79 31.82 -0.36
CA ASP F 53 -21.78 31.37 -1.31
C ASP F 53 -20.56 30.80 -0.60
N SER F 54 -20.57 30.79 0.73
CA SER F 54 -19.43 30.34 1.51
C SER F 54 -19.08 28.89 1.27
N GLY F 55 -19.97 28.12 0.66
CA GLY F 55 -19.81 26.68 0.62
C GLY F 55 -20.42 25.97 1.80
N SER F 56 -21.21 26.66 2.63
CA SER F 56 -21.84 26.05 3.78
C SER F 56 -23.15 26.76 4.08
N ILE F 57 -24.15 25.98 4.50
CA ILE F 57 -25.47 26.51 4.86
C ILE F 57 -25.95 25.72 6.08
N VAL F 58 -26.24 26.43 7.16
CA VAL F 58 -26.63 25.81 8.42
C VAL F 58 -27.98 26.37 8.85
N VAL F 59 -28.92 25.47 9.15
CA VAL F 59 -30.20 25.83 9.74
C VAL F 59 -30.28 25.11 11.08
N SER F 60 -30.09 25.84 12.17
CA SER F 60 -30.09 25.30 13.50
C SER F 60 -31.42 25.62 14.19
N GLY F 61 -31.59 25.07 15.39
CA GLY F 61 -32.74 25.38 16.21
C GLY F 61 -34.02 24.67 15.84
N LEU F 62 -33.96 23.65 14.98
CA LEU F 62 -35.17 22.90 14.66
C LEU F 62 -35.48 21.89 15.76
N THR F 63 -36.76 21.51 15.83
CA THR F 63 -37.26 20.66 16.90
C THR F 63 -37.04 19.19 16.56
N PRO F 64 -36.48 18.40 17.46
CA PRO F 64 -36.32 16.96 17.18
C PRO F 64 -37.67 16.25 17.14
N GLY F 65 -37.77 15.28 16.24
CA GLY F 65 -39.01 14.53 16.09
C GLY F 65 -40.08 15.21 15.29
N VAL F 66 -39.73 16.13 14.40
CA VAL F 66 -40.69 16.90 13.62
C VAL F 66 -40.39 16.68 12.15
N GLU F 67 -41.44 16.44 11.36
CA GLU F 67 -41.28 16.32 9.92
C GLU F 67 -41.05 17.70 9.32
N TYR F 68 -39.93 17.86 8.63
CA TYR F 68 -39.56 19.14 8.06
C TYR F 68 -39.50 19.02 6.55
N VAL F 69 -39.86 20.09 5.88
CA VAL F 69 -39.62 20.14 4.45
C VAL F 69 -38.55 21.18 4.20
N TYR F 70 -37.48 20.73 3.56
CA TYR F 70 -36.36 21.59 3.23
C TYR F 70 -36.15 21.56 1.73
N THR F 71 -36.06 22.74 1.14
CA THR F 71 -35.90 22.92 -0.29
C THR F 71 -34.55 23.57 -0.56
N ILE F 72 -33.83 23.02 -1.54
CA ILE F 72 -32.50 23.51 -1.91
C ILE F 72 -32.60 24.14 -3.28
N GLN F 73 -32.21 25.41 -3.38
CA GLN F 73 -32.28 26.17 -4.63
C GLN F 73 -30.88 26.67 -4.98
N VAL F 74 -30.36 26.20 -6.12
CA VAL F 74 -29.08 26.69 -6.61
C VAL F 74 -29.26 28.08 -7.21
N LEU F 75 -28.22 28.90 -7.10
CA LEU F 75 -28.22 30.25 -7.66
C LEU F 75 -27.01 30.40 -8.56
N ARG F 76 -27.25 30.68 -9.83
CA ARG F 76 -26.19 30.97 -10.79
C ARG F 76 -26.22 32.47 -11.07
N ASP F 77 -25.08 33.13 -10.84
CA ASP F 77 -24.96 34.58 -10.95
C ASP F 77 -25.92 35.31 -10.00
N GLY F 78 -26.35 34.63 -8.95
CA GLY F 78 -27.29 35.19 -8.00
C GLY F 78 -28.74 35.12 -8.41
N GLN F 79 -29.08 34.34 -9.44
CA GLN F 79 -30.45 34.23 -9.92
C GLN F 79 -30.95 32.81 -9.75
N GLU F 80 -32.23 32.69 -9.39
CA GLU F 80 -32.89 31.40 -9.28
C GLU F 80 -33.34 30.97 -10.68
N ARG F 81 -32.48 30.22 -11.35
CA ARG F 81 -32.78 29.71 -12.68
C ARG F 81 -33.29 28.27 -12.66
N ASP F 82 -32.69 27.41 -11.86
CA ASP F 82 -33.06 26.00 -11.82
C ASP F 82 -34.23 25.80 -10.86
N ALA F 83 -34.95 24.70 -11.09
CA ALA F 83 -36.12 24.40 -10.27
C ALA F 83 -35.70 24.03 -8.85
N PRO F 84 -36.52 24.40 -7.86
CA PRO F 84 -36.20 24.02 -6.48
C PRO F 84 -36.18 22.52 -6.28
N ILE F 85 -35.35 22.08 -5.35
CA ILE F 85 -35.20 20.67 -5.01
C ILE F 85 -35.88 20.46 -3.66
N VAL F 86 -37.06 19.86 -3.68
CA VAL F 86 -37.90 19.74 -2.49
C VAL F 86 -37.64 18.36 -1.86
N ASN F 87 -37.26 18.37 -0.59
CA ASN F 87 -37.04 17.15 0.17
C ASN F 87 -37.80 17.24 1.49
N LYS F 88 -37.97 16.08 2.14
CA LYS F 88 -38.63 16.02 3.44
C LYS F 88 -37.86 15.08 4.35
N VAL F 89 -37.56 15.56 5.55
CA VAL F 89 -36.79 14.81 6.55
C VAL F 89 -37.47 14.94 7.89
N VAL F 90 -37.36 13.91 8.72
CA VAL F 90 -37.85 13.92 10.09
C VAL F 90 -36.65 13.92 11.02
N THR F 91 -36.55 14.95 11.86
CA THR F 91 -35.43 15.04 12.78
C THR F 91 -35.45 13.87 13.76
N PRO F 92 -34.28 13.25 14.03
CA PRO F 92 -34.17 12.13 14.96
C PRO F 92 -34.53 12.52 16.39
N ILE G 10 29.14 -1.03 16.77
CA ILE G 10 29.38 0.38 16.49
C ILE G 10 28.41 0.85 15.39
N PRO G 11 28.08 2.15 15.39
CA PRO G 11 26.98 2.64 14.54
C PRO G 11 27.25 2.43 13.07
N PRO G 12 26.26 1.98 12.31
CA PRO G 12 26.44 1.80 10.87
C PRO G 12 26.69 3.14 10.18
N TYR G 13 27.54 3.10 9.15
CA TYR G 13 27.84 4.28 8.35
C TYR G 13 27.75 3.91 6.88
N ASN G 14 27.50 4.92 6.05
CA ASN G 14 27.50 4.76 4.60
C ASN G 14 28.76 5.42 4.05
N THR G 15 29.38 4.76 3.07
CA THR G 15 30.63 5.20 2.48
C THR G 15 30.40 5.56 1.01
N GLU G 16 30.85 6.74 0.63
CA GLU G 16 30.78 7.19 -0.76
C GLU G 16 32.18 7.61 -1.20
N VAL G 17 32.64 7.05 -2.32
CA VAL G 17 33.94 7.37 -2.90
C VAL G 17 33.69 7.92 -4.30
N THR G 18 34.25 9.09 -4.59
CA THR G 18 34.13 9.69 -5.92
C THR G 18 35.52 9.94 -6.49
N GLU G 19 35.57 10.75 -7.55
CA GLU G 19 36.82 10.99 -8.25
C GLU G 19 37.83 11.74 -7.39
N THR G 20 37.37 12.51 -6.41
CA THR G 20 38.27 13.36 -5.64
C THR G 20 37.94 13.48 -4.16
N THR G 21 36.83 12.90 -3.70
CA THR G 21 36.47 12.99 -2.28
C THR G 21 36.05 11.61 -1.76
N ILE G 22 36.18 11.45 -0.46
CA ILE G 22 35.68 10.29 0.27
C ILE G 22 34.82 10.81 1.41
N VAL G 23 33.54 10.45 1.39
CA VAL G 23 32.61 10.96 2.40
C VAL G 23 31.99 9.79 3.14
N ILE G 24 31.71 10.01 4.43
CA ILE G 24 31.15 9.00 5.31
C ILE G 24 29.96 9.61 6.03
N THR G 25 28.80 8.95 5.93
CA THR G 25 27.58 9.39 6.57
C THR G 25 27.18 8.43 7.66
N TRP G 26 26.46 8.93 8.66
CA TRP G 26 25.88 8.10 9.70
C TRP G 26 24.87 8.92 10.47
N THR G 27 23.95 8.21 11.14
CA THR G 27 22.96 8.88 11.98
C THR G 27 23.64 9.34 13.27
N PRO G 28 23.73 10.65 13.50
CA PRO G 28 24.42 11.15 14.69
C PRO G 28 23.67 10.76 15.96
N ALA G 29 24.41 10.17 16.89
CA ALA G 29 23.93 9.84 18.23
C ALA G 29 24.84 10.53 19.24
N PRO G 30 24.34 10.84 20.44
CA PRO G 30 25.20 11.47 21.44
C PRO G 30 26.36 10.55 21.81
N ARG G 31 27.51 11.15 22.07
CA ARG G 31 28.76 10.51 22.48
C ARG G 31 29.44 9.71 21.39
N ILE G 32 28.91 9.68 20.16
CA ILE G 32 29.47 8.86 19.10
C ILE G 32 29.98 9.78 18.01
N GLY G 33 31.26 9.64 17.68
CA GLY G 33 31.86 10.38 16.59
C GLY G 33 32.74 9.46 15.75
N PHE G 34 33.12 9.96 14.59
CA PHE G 34 33.96 9.21 13.67
C PHE G 34 35.17 10.05 13.30
N LYS G 35 36.29 9.36 13.06
CA LYS G 35 37.54 10.00 12.64
C LYS G 35 38.09 9.23 11.45
N LEU G 36 38.13 9.88 10.29
CA LEU G 36 38.65 9.27 9.07
C LEU G 36 40.04 9.81 8.77
N GLY G 37 40.93 8.91 8.35
CA GLY G 37 42.23 9.31 7.85
C GLY G 37 42.52 8.65 6.52
N VAL G 38 42.91 9.44 5.53
CA VAL G 38 43.26 8.93 4.21
C VAL G 38 44.75 9.15 3.98
N ARG G 39 45.35 8.24 3.21
CA ARG G 39 46.77 8.28 2.92
C ARG G 39 46.98 7.52 1.62
N PRO G 40 47.79 8.05 0.71
CA PRO G 40 48.21 7.22 -0.44
C PRO G 40 49.04 6.04 0.05
N SER G 41 48.77 4.86 -0.53
CA SER G 41 49.49 3.68 -0.10
C SER G 41 50.95 3.72 -0.51
N GLN G 42 51.26 4.32 -1.66
CA GLN G 42 52.63 4.49 -2.10
C GLN G 42 53.23 5.83 -1.66
N GLY G 43 52.59 6.50 -0.70
CA GLY G 43 53.10 7.74 -0.17
C GLY G 43 53.11 8.86 -1.20
N GLY G 44 54.01 9.82 -0.97
CA GLY G 44 54.15 10.96 -1.86
C GLY G 44 53.19 12.09 -1.61
N GLU G 45 52.30 11.97 -0.63
CA GLU G 45 51.37 13.04 -0.27
C GLU G 45 51.30 13.12 1.25
N ALA G 46 50.35 13.90 1.74
CA ALA G 46 50.18 14.13 3.16
C ALA G 46 48.91 13.46 3.65
N PRO G 47 48.95 12.72 4.75
CA PRO G 47 47.74 12.05 5.24
C PRO G 47 46.73 13.06 5.76
N ARG G 48 45.51 12.98 5.22
CA ARG G 48 44.44 13.88 5.62
C ARG G 48 43.60 13.24 6.72
N GLU G 49 43.08 14.07 7.62
CA GLU G 49 42.43 13.62 8.83
C GLU G 49 41.20 14.47 9.10
N VAL G 50 40.08 13.83 9.40
CA VAL G 50 38.82 14.53 9.68
C VAL G 50 38.14 13.85 10.87
N THR G 51 37.62 14.65 11.79
CA THR G 51 36.85 14.18 12.93
C THR G 51 35.53 14.93 13.00
N SER G 52 34.46 14.22 13.34
CA SER G 52 33.13 14.83 13.33
C SER G 52 32.18 14.02 14.20
N ASP G 53 31.22 14.72 14.81
CA ASP G 53 30.09 14.11 15.48
C ASP G 53 28.77 14.44 14.79
N SER G 54 28.80 15.29 13.76
CA SER G 54 27.58 15.77 13.12
C SER G 54 26.91 14.72 12.25
N GLY G 55 27.54 13.58 12.02
CA GLY G 55 26.99 12.56 11.15
C GLY G 55 27.53 12.58 9.74
N SER G 56 28.50 13.46 9.44
CA SER G 56 29.06 13.57 8.10
C SER G 56 30.55 13.86 8.19
N ILE G 57 31.32 13.17 7.36
CA ILE G 57 32.76 13.37 7.24
C ILE G 57 33.10 13.44 5.76
N VAL G 58 33.88 14.45 5.38
CA VAL G 58 34.25 14.65 3.98
C VAL G 58 35.76 14.90 3.90
N VAL G 59 36.45 14.13 3.08
CA VAL G 59 37.84 14.36 2.74
C VAL G 59 37.88 14.63 1.24
N SER G 60 37.98 15.91 0.86
CA SER G 60 38.04 16.29 -0.54
C SER G 60 39.48 16.56 -0.95
N GLY G 61 39.67 16.91 -2.22
CA GLY G 61 40.98 17.19 -2.75
C GLY G 61 41.83 15.98 -3.07
N LEU G 62 41.25 14.78 -3.05
CA LEU G 62 41.99 13.59 -3.41
C LEU G 62 42.31 13.56 -4.90
N THR G 63 43.42 12.94 -5.24
CA THR G 63 43.82 12.83 -6.64
C THR G 63 43.12 11.63 -7.27
N PRO G 64 42.46 11.80 -8.42
CA PRO G 64 41.86 10.65 -9.10
C PRO G 64 42.93 9.72 -9.66
N GLY G 65 42.64 8.42 -9.62
CA GLY G 65 43.57 7.44 -10.12
C GLY G 65 44.69 7.06 -9.17
N VAL G 66 44.47 7.22 -7.86
CA VAL G 66 45.47 6.94 -6.85
C VAL G 66 44.91 5.93 -5.87
N GLU G 67 45.73 4.96 -5.48
CA GLU G 67 45.34 4.00 -4.44
C GLU G 67 45.48 4.68 -3.09
N TYR G 68 44.38 4.72 -2.34
CA TYR G 68 44.34 5.37 -1.04
C TYR G 68 44.03 4.35 0.05
N VAL G 69 44.81 4.38 1.12
CA VAL G 69 44.47 3.67 2.35
C VAL G 69 43.69 4.63 3.23
N TYR G 70 42.44 4.30 3.53
CA TYR G 70 41.62 5.11 4.43
C TYR G 70 41.14 4.25 5.58
N THR G 71 41.32 4.76 6.79
CA THR G 71 40.97 4.05 8.02
C THR G 71 39.89 4.83 8.76
N ILE G 72 38.90 4.09 9.26
CA ILE G 72 37.76 4.66 9.98
C ILE G 72 37.89 4.30 11.45
N GLN G 73 37.86 5.31 12.32
CA GLN G 73 38.07 5.14 13.75
C GLN G 73 36.81 5.55 14.50
N VAL G 74 36.34 4.67 15.38
CA VAL G 74 35.17 4.95 16.20
C VAL G 74 35.58 5.74 17.43
N LEU G 75 34.78 6.73 17.79
CA LEU G 75 35.00 7.54 18.98
C LEU G 75 33.77 7.42 19.88
N ARG G 76 33.98 6.94 21.10
CA ARG G 76 32.96 6.95 22.14
C ARG G 76 33.48 7.80 23.30
N ASP G 77 32.68 8.77 23.72
CA ASP G 77 33.07 9.76 24.72
C ASP G 77 34.29 10.56 24.26
N GLY G 78 34.47 10.69 22.95
CA GLY G 78 35.62 11.38 22.41
C GLY G 78 36.93 10.64 22.60
N GLN G 79 36.89 9.31 22.56
CA GLN G 79 38.09 8.49 22.77
C GLN G 79 38.08 7.32 21.79
N GLU G 80 39.21 7.05 21.19
CA GLU G 80 39.27 5.96 20.26
C GLU G 80 39.16 4.79 21.18
N ARG G 81 38.13 4.01 21.00
CA ARG G 81 37.91 2.91 21.89
C ARG G 81 37.93 1.56 21.26
N ASP G 82 38.07 1.48 19.95
CA ASP G 82 38.13 0.17 19.31
C ASP G 82 39.09 0.23 18.19
N ALA G 83 39.54 -0.92 17.72
CA ALA G 83 40.50 -0.94 16.64
C ALA G 83 39.98 -0.21 15.40
N PRO G 84 40.86 0.44 14.64
CA PRO G 84 40.43 1.13 13.42
C PRO G 84 40.15 0.15 12.30
N ILE G 85 39.28 0.58 11.39
CA ILE G 85 38.84 -0.23 10.24
C ILE G 85 39.65 0.22 9.03
N VAL G 86 40.51 -0.67 8.54
CA VAL G 86 41.44 -0.34 7.46
C VAL G 86 40.81 -0.72 6.12
N ASN G 87 40.81 0.22 5.17
CA ASN G 87 40.29 -0.03 3.84
C ASN G 87 41.21 0.61 2.82
N LYS G 88 41.18 0.09 1.60
CA LYS G 88 41.96 0.60 0.48
C LYS G 88 41.05 0.76 -0.73
N VAL G 89 41.16 1.90 -1.41
CA VAL G 89 40.33 2.20 -2.58
C VAL G 89 41.16 2.99 -3.57
N VAL G 90 40.95 2.74 -4.85
CA VAL G 90 41.58 3.48 -5.93
C VAL G 90 40.56 4.46 -6.49
N THR G 91 40.89 5.75 -6.44
CA THR G 91 39.97 6.76 -6.95
C THR G 91 39.77 6.57 -8.45
N PRO G 92 38.53 6.76 -8.94
CA PRO G 92 38.20 6.59 -10.36
C PRO G 92 38.91 7.58 -11.26
N LEU H 4 46.19 -6.15 -23.46
CA LEU H 4 46.03 -5.14 -22.40
C LEU H 4 46.54 -3.77 -22.84
N GLN H 5 45.85 -2.72 -22.38
CA GLN H 5 46.30 -1.35 -22.56
C GLN H 5 46.26 -0.62 -21.22
N PRO H 6 47.21 0.28 -20.98
CA PRO H 6 47.30 0.93 -19.66
C PRO H 6 46.16 1.87 -19.33
N GLY H 7 45.33 2.24 -20.30
CA GLY H 7 44.09 2.91 -19.94
C GLY H 7 44.03 4.40 -20.21
N SER H 8 42.93 4.83 -20.81
CA SER H 8 42.63 6.21 -21.11
C SER H 8 41.73 6.75 -20.02
N SER H 9 41.09 7.88 -20.29
CA SER H 9 39.83 8.27 -19.65
C SER H 9 39.05 7.03 -19.26
N ILE H 10 38.68 6.92 -18.00
CA ILE H 10 37.64 6.01 -17.55
C ILE H 10 36.48 6.86 -17.06
N PRO H 11 35.26 6.62 -17.50
CA PRO H 11 34.11 7.38 -17.02
C PRO H 11 34.09 7.39 -15.51
N PRO H 12 34.20 8.56 -14.89
CA PRO H 12 34.27 8.63 -13.43
C PRO H 12 33.06 7.96 -12.82
N TYR H 13 33.31 7.03 -11.90
CA TYR H 13 32.24 6.26 -11.29
C TYR H 13 32.15 6.57 -9.80
N ASN H 14 30.94 6.49 -9.29
CA ASN H 14 30.66 6.70 -7.87
C ASN H 14 30.49 5.35 -7.19
N THR H 15 31.06 5.21 -5.99
CA THR H 15 31.02 3.96 -5.25
C THR H 15 30.35 4.20 -3.91
N GLU H 16 29.26 3.47 -3.65
CA GLU H 16 28.54 3.54 -2.39
C GLU H 16 28.63 2.18 -1.70
N VAL H 17 28.97 2.20 -0.42
CA VAL H 17 29.13 0.97 0.37
C VAL H 17 28.33 1.12 1.65
N THR H 18 27.37 0.21 1.85
CA THR H 18 26.62 0.16 3.10
C THR H 18 26.88 -1.18 3.79
N GLU H 19 25.96 -1.58 4.68
CA GLU H 19 26.18 -2.79 5.46
C GLU H 19 26.03 -4.05 4.63
N THR H 20 25.22 -4.00 3.56
CA THR H 20 24.92 -5.21 2.80
C THR H 20 25.07 -5.05 1.29
N THR H 21 25.46 -3.88 0.79
CA THR H 21 25.50 -3.67 -0.65
C THR H 21 26.73 -2.86 -1.05
N ILE H 22 27.13 -3.04 -2.30
CA ILE H 22 28.16 -2.24 -2.96
C ILE H 22 27.58 -1.80 -4.30
N VAL H 23 27.51 -0.48 -4.50
CA VAL H 23 26.85 0.09 -5.67
C VAL H 23 27.85 0.96 -6.42
N ILE H 24 27.95 0.72 -7.73
CA ILE H 24 28.80 1.52 -8.61
C ILE H 24 27.90 2.20 -9.63
N THR H 25 28.04 3.51 -9.77
CA THR H 25 27.23 4.31 -10.68
C THR H 25 28.13 5.14 -11.58
N TRP H 26 27.64 5.43 -12.78
CA TRP H 26 28.34 6.27 -13.74
C TRP H 26 27.38 6.68 -14.83
N THR H 27 27.75 7.70 -15.59
CA THR H 27 26.94 8.16 -16.70
C THR H 27 27.04 7.16 -17.83
N PRO H 28 25.95 6.47 -18.20
CA PRO H 28 26.03 5.46 -19.27
C PRO H 28 26.41 6.09 -20.60
N ALA H 29 27.51 5.63 -21.18
CA ALA H 29 28.03 6.12 -22.44
C ALA H 29 28.13 4.97 -23.45
N PRO H 30 28.03 5.27 -24.74
CA PRO H 30 28.10 4.20 -25.74
C PRO H 30 29.45 3.50 -25.73
N ARG H 31 29.40 2.17 -25.82
CA ARG H 31 30.58 1.34 -26.06
C ARG H 31 31.55 1.34 -24.88
N ILE H 32 31.05 1.60 -23.67
CA ILE H 32 31.81 1.44 -22.43
C ILE H 32 30.89 0.82 -21.38
N GLY H 33 31.41 -0.15 -20.64
CA GLY H 33 30.67 -0.78 -19.56
C GLY H 33 31.57 -1.05 -18.37
N PHE H 34 30.99 -1.72 -17.36
CA PHE H 34 31.70 -2.00 -16.12
C PHE H 34 31.39 -3.42 -15.65
N LYS H 35 32.34 -4.00 -14.92
CA LYS H 35 32.20 -5.34 -14.36
C LYS H 35 32.78 -5.35 -12.96
N LEU H 36 31.96 -5.67 -11.97
CA LEU H 36 32.40 -5.75 -10.58
C LEU H 36 32.41 -7.19 -10.11
N GLY H 37 33.45 -7.55 -9.37
CA GLY H 37 33.52 -8.83 -8.71
C GLY H 37 33.80 -8.66 -7.22
N VAL H 38 33.02 -9.33 -6.37
CA VAL H 38 33.14 -9.20 -4.93
C VAL H 38 33.43 -10.58 -4.34
N ARG H 39 34.38 -10.62 -3.40
CA ARG H 39 34.77 -11.85 -2.74
C ARG H 39 35.27 -11.51 -1.35
N PRO H 40 34.89 -12.28 -0.33
CA PRO H 40 35.44 -12.04 1.02
C PRO H 40 36.91 -12.43 1.07
N SER H 41 37.73 -11.54 1.61
CA SER H 41 39.17 -11.81 1.68
C SER H 41 39.46 -12.99 2.60
N GLN H 42 38.69 -13.14 3.67
CA GLN H 42 38.84 -14.31 4.54
C GLN H 42 38.40 -15.58 3.81
N GLY H 43 37.33 -15.49 3.05
CA GLY H 43 36.79 -16.64 2.35
C GLY H 43 35.67 -17.31 3.13
N GLY H 44 34.73 -17.89 2.39
CA GLY H 44 33.60 -18.56 3.02
C GLY H 44 32.29 -18.29 2.31
N GLU H 45 32.30 -17.32 1.39
CA GLU H 45 31.13 -16.98 0.61
C GLU H 45 31.47 -17.07 -0.87
N ALA H 46 30.49 -17.47 -1.68
CA ALA H 46 30.73 -17.63 -3.10
C ALA H 46 31.01 -16.27 -3.74
N PRO H 47 32.03 -16.18 -4.60
CA PRO H 47 32.36 -14.89 -5.22
C PRO H 47 31.26 -14.43 -6.18
N ARG H 48 30.81 -13.20 -6.00
CA ARG H 48 29.77 -12.62 -6.84
C ARG H 48 30.39 -11.92 -8.04
N GLU H 49 29.70 -12.01 -9.18
CA GLU H 49 30.20 -11.46 -10.44
C GLU H 49 29.04 -10.79 -11.16
N VAL H 50 29.17 -9.49 -11.40
CA VAL H 50 28.11 -8.69 -12.00
C VAL H 50 28.70 -7.84 -13.12
N THR H 51 28.00 -7.78 -14.25
CA THR H 51 28.43 -7.02 -15.42
C THR H 51 27.25 -6.25 -15.98
N SER H 52 27.48 -4.99 -16.36
CA SER H 52 26.38 -4.19 -16.90
C SER H 52 26.93 -2.98 -17.65
N ASP H 53 26.08 -2.46 -18.55
CA ASP H 53 26.31 -1.21 -19.25
C ASP H 53 25.32 -0.13 -18.83
N SER H 54 24.42 -0.45 -17.89
CA SER H 54 23.28 0.41 -17.59
C SER H 54 23.69 1.77 -17.01
N GLY H 55 24.89 1.89 -16.49
CA GLY H 55 25.28 3.05 -15.71
C GLY H 55 25.17 2.86 -14.22
N SER H 56 24.75 1.68 -13.77
CA SER H 56 24.65 1.37 -12.35
C SER H 56 24.66 -0.14 -12.17
N ILE H 57 25.43 -0.61 -11.21
CA ILE H 57 25.43 -2.02 -10.82
C ILE H 57 25.27 -2.07 -9.30
N VAL H 58 24.53 -3.07 -8.82
CA VAL H 58 24.27 -3.24 -7.40
C VAL H 58 24.58 -4.67 -7.02
N VAL H 59 25.37 -4.84 -5.96
CA VAL H 59 25.71 -6.15 -5.41
C VAL H 59 25.22 -6.16 -3.97
N SER H 60 24.09 -6.82 -3.73
CA SER H 60 23.46 -6.83 -2.42
C SER H 60 23.73 -8.17 -1.73
N GLY H 61 23.08 -8.39 -0.59
CA GLY H 61 23.25 -9.62 0.14
C GLY H 61 24.60 -9.80 0.78
N LEU H 62 25.38 -8.73 0.92
CA LEU H 62 26.67 -8.83 1.59
C LEU H 62 26.47 -8.93 3.10
N THR H 63 27.44 -9.55 3.76
CA THR H 63 27.33 -9.68 5.21
C THR H 63 27.95 -8.46 5.89
N PRO H 64 27.23 -7.78 6.79
CA PRO H 64 27.83 -6.65 7.50
C PRO H 64 28.93 -7.11 8.44
N GLY H 65 30.01 -6.32 8.50
CA GLY H 65 31.12 -6.65 9.38
C GLY H 65 32.13 -7.61 8.80
N VAL H 66 32.12 -7.81 7.48
CA VAL H 66 33.02 -8.76 6.83
C VAL H 66 33.88 -7.99 5.83
N GLU H 67 35.17 -8.34 5.80
CA GLU H 67 36.10 -7.74 4.85
C GLU H 67 35.87 -8.32 3.45
N TYR H 68 35.72 -7.45 2.47
CA TYR H 68 35.46 -7.85 1.09
C TYR H 68 36.51 -7.23 0.17
N VAL H 69 37.15 -8.05 -0.65
CA VAL H 69 37.94 -7.56 -1.77
C VAL H 69 37.01 -7.46 -2.97
N TYR H 70 36.91 -6.26 -3.55
CA TYR H 70 36.05 -6.04 -4.70
C TYR H 70 36.87 -5.40 -5.82
N THR H 71 36.70 -5.93 -7.03
CA THR H 71 37.50 -5.55 -8.19
C THR H 71 36.60 -4.90 -9.23
N ILE H 72 37.05 -3.78 -9.79
CA ILE H 72 36.31 -3.04 -10.82
C ILE H 72 37.08 -3.15 -12.12
N GLN H 73 36.44 -3.69 -13.15
CA GLN H 73 37.06 -3.89 -14.45
C GLN H 73 36.30 -3.10 -15.49
N VAL H 74 36.98 -2.13 -16.10
CA VAL H 74 36.36 -1.33 -17.16
C VAL H 74 36.24 -2.17 -18.42
N LEU H 75 35.12 -2.02 -19.12
CA LEU H 75 34.85 -2.74 -20.36
C LEU H 75 34.76 -1.75 -21.51
N ARG H 76 35.52 -1.99 -22.56
CA ARG H 76 35.48 -1.17 -23.76
C ARG H 76 34.99 -2.06 -24.91
N ASP H 77 33.74 -1.85 -25.31
CA ASP H 77 33.07 -2.71 -26.30
C ASP H 77 32.96 -4.14 -25.79
N GLY H 78 32.81 -4.28 -24.48
CA GLY H 78 32.67 -5.57 -23.84
C GLY H 78 33.93 -6.41 -23.88
N GLN H 79 35.08 -5.79 -23.59
CA GLN H 79 36.35 -6.52 -23.54
C GLN H 79 37.25 -5.95 -22.45
N GLU H 80 37.79 -6.85 -21.63
CA GLU H 80 38.68 -6.49 -20.52
C GLU H 80 40.03 -6.05 -21.09
N ARG H 81 40.11 -4.77 -21.42
CA ARG H 81 41.30 -4.19 -22.02
C ARG H 81 42.23 -3.56 -21.00
N ASP H 82 41.68 -3.02 -19.91
CA ASP H 82 42.47 -2.34 -18.90
C ASP H 82 42.77 -3.27 -17.72
N ALA H 83 43.70 -2.83 -16.89
CA ALA H 83 44.05 -3.59 -15.70
C ALA H 83 42.92 -3.51 -14.67
N PRO H 84 42.75 -4.55 -13.87
CA PRO H 84 41.69 -4.52 -12.86
C PRO H 84 42.00 -3.55 -11.74
N ILE H 85 40.94 -2.91 -11.22
CA ILE H 85 41.05 -1.95 -10.13
C ILE H 85 40.60 -2.67 -8.86
N VAL H 86 41.57 -3.13 -8.07
CA VAL H 86 41.28 -3.93 -6.88
C VAL H 86 41.19 -3.01 -5.67
N ASN H 87 40.13 -3.17 -4.88
CA ASN H 87 39.92 -2.40 -3.67
C ASN H 87 39.48 -3.33 -2.55
N LYS H 88 39.62 -2.85 -1.32
CA LYS H 88 39.24 -3.62 -0.13
C LYS H 88 38.42 -2.74 0.79
N VAL H 89 37.30 -3.28 1.27
CA VAL H 89 36.41 -2.55 2.18
C VAL H 89 35.87 -3.51 3.22
N VAL H 90 35.65 -3.00 4.42
CA VAL H 90 35.06 -3.74 5.52
C VAL H 90 33.64 -3.24 5.71
N THR H 91 32.68 -4.14 5.64
CA THR H 91 31.27 -3.75 5.70
C THR H 91 30.93 -3.17 7.07
N PRO H 92 30.27 -2.01 7.14
CA PRO H 92 29.86 -1.36 8.40
C PRO H 92 28.75 -2.13 9.10
N SER I 9 14.79 -28.55 7.28
CA SER I 9 13.85 -27.81 8.13
C SER I 9 12.43 -28.28 7.88
N ILE I 10 11.82 -27.70 6.86
CA ILE I 10 10.45 -28.02 6.45
C ILE I 10 10.29 -27.51 5.02
N PRO I 11 10.10 -28.39 4.05
CA PRO I 11 9.94 -27.92 2.67
C PRO I 11 8.66 -27.12 2.53
N PRO I 12 8.77 -25.83 2.20
CA PRO I 12 7.56 -25.00 2.11
C PRO I 12 6.65 -25.50 1.00
N TYR I 13 5.35 -25.55 1.31
CA TYR I 13 4.35 -26.03 0.37
C TYR I 13 3.27 -24.97 0.17
N ASN I 14 2.66 -25.00 -1.01
CA ASN I 14 1.55 -24.12 -1.34
C ASN I 14 0.24 -24.89 -1.14
N THR I 15 -0.71 -24.26 -0.48
CA THR I 15 -1.99 -24.87 -0.13
C THR I 15 -3.11 -24.07 -0.76
N GLU I 16 -4.03 -24.77 -1.45
CA GLU I 16 -5.19 -24.13 -2.07
C GLU I 16 -6.43 -24.94 -1.73
N VAL I 17 -7.42 -24.29 -1.10
CA VAL I 17 -8.65 -24.93 -0.65
C VAL I 17 -9.81 -24.34 -1.44
N THR I 18 -10.64 -25.22 -2.01
CA THR I 18 -11.88 -24.84 -2.66
C THR I 18 -13.04 -25.57 -1.99
N GLU I 19 -14.23 -25.46 -2.59
CA GLU I 19 -15.39 -26.15 -2.03
C GLU I 19 -15.25 -27.66 -2.10
N THR I 20 -14.54 -28.16 -3.10
CA THR I 20 -14.43 -29.60 -3.32
C THR I 20 -13.00 -30.12 -3.39
N THR I 21 -12.00 -29.23 -3.46
CA THR I 21 -10.62 -29.65 -3.68
C THR I 21 -9.70 -29.05 -2.62
N ILE I 22 -8.68 -29.82 -2.25
CA ILE I 22 -7.54 -29.33 -1.50
C ILE I 22 -6.28 -29.77 -2.24
N VAL I 23 -5.41 -28.82 -2.56
CA VAL I 23 -4.23 -29.07 -3.38
C VAL I 23 -3.00 -28.62 -2.59
N ILE I 24 -2.00 -29.51 -2.50
CA ILE I 24 -0.72 -29.21 -1.88
C ILE I 24 0.37 -29.38 -2.92
N THR I 25 1.17 -28.33 -3.11
CA THR I 25 2.28 -28.37 -4.05
C THR I 25 3.56 -27.97 -3.33
N TRP I 26 4.68 -28.51 -3.79
CA TRP I 26 5.97 -28.25 -3.15
C TRP I 26 7.09 -28.60 -4.12
N THR I 27 8.29 -28.20 -3.77
CA THR I 27 9.48 -28.54 -4.54
C THR I 27 9.83 -30.00 -4.32
N PRO I 28 9.73 -30.87 -5.33
CA PRO I 28 10.08 -32.27 -5.12
C PRO I 28 11.58 -32.47 -5.03
N ALA I 29 12.02 -33.09 -3.95
CA ALA I 29 13.41 -33.41 -3.72
C ALA I 29 13.58 -34.92 -3.54
N PRO I 30 14.74 -35.46 -3.88
CA PRO I 30 14.98 -36.88 -3.60
C PRO I 30 14.83 -37.17 -2.12
N ARG I 31 14.18 -38.31 -1.82
CA ARG I 31 13.90 -38.86 -0.51
C ARG I 31 12.75 -38.14 0.20
N ILE I 32 12.22 -37.05 -0.35
CA ILE I 32 11.23 -36.22 0.33
C ILE I 32 9.86 -36.46 -0.28
N GLY I 33 8.88 -36.76 0.59
CA GLY I 33 7.49 -36.88 0.17
C GLY I 33 6.58 -36.27 1.20
N PHE I 34 5.30 -36.13 0.82
CA PHE I 34 4.30 -35.52 1.67
C PHE I 34 3.11 -36.45 1.82
N LYS I 35 2.51 -36.44 3.01
CA LYS I 35 1.34 -37.26 3.32
C LYS I 35 0.24 -36.36 3.85
N LEU I 36 -0.86 -36.27 3.11
CA LEU I 36 -2.02 -35.50 3.53
C LEU I 36 -3.15 -36.46 3.90
N GLY I 37 -3.84 -36.15 5.00
CA GLY I 37 -5.04 -36.86 5.37
C GLY I 37 -6.22 -35.94 5.53
N VAL I 38 -7.37 -36.26 4.94
CA VAL I 38 -8.58 -35.45 5.02
C VAL I 38 -9.66 -36.23 5.75
N ARG I 39 -10.29 -35.58 6.72
CA ARG I 39 -11.43 -36.14 7.44
C ARG I 39 -12.46 -35.03 7.67
N PRO I 40 -13.75 -35.38 7.69
CA PRO I 40 -14.75 -34.41 8.14
C PRO I 40 -14.71 -34.27 9.65
N SER I 41 -14.84 -33.02 10.11
CA SER I 41 -14.76 -32.72 11.54
C SER I 41 -15.87 -33.40 12.33
N GLU I 45 -13.47 -43.64 11.04
CA GLU I 45 -13.88 -42.25 10.95
C GLU I 45 -12.90 -41.44 10.09
N ALA I 46 -11.86 -42.11 9.59
CA ALA I 46 -10.86 -41.46 8.76
C ALA I 46 -11.09 -41.84 7.30
N PRO I 47 -11.59 -40.92 6.47
CA PRO I 47 -12.02 -41.31 5.12
C PRO I 47 -10.94 -41.32 4.04
N ARG I 48 -9.98 -40.40 4.05
CA ARG I 48 -9.11 -40.24 2.89
C ARG I 48 -7.68 -39.94 3.29
N GLU I 49 -6.74 -40.42 2.48
CA GLU I 49 -5.31 -40.32 2.79
C GLU I 49 -4.51 -40.47 1.49
N VAL I 50 -3.61 -39.52 1.23
CA VAL I 50 -2.83 -39.50 -0.01
C VAL I 50 -1.40 -39.10 0.30
N THR I 51 -0.43 -39.87 -0.20
CA THR I 51 0.98 -39.53 -0.12
C THR I 51 1.62 -39.59 -1.51
N SER I 52 2.63 -38.75 -1.72
CA SER I 52 3.33 -38.72 -2.99
C SER I 52 4.60 -37.89 -2.86
N ASP I 53 5.56 -38.17 -3.73
CA ASP I 53 6.80 -37.39 -3.84
C ASP I 53 6.89 -36.62 -5.15
N SER I 54 5.84 -36.65 -5.96
CA SER I 54 5.87 -36.00 -7.27
C SER I 54 5.91 -34.48 -7.16
N GLY I 55 5.52 -33.91 -6.02
CA GLY I 55 5.50 -32.48 -5.83
C GLY I 55 4.12 -31.87 -5.75
N SER I 56 3.05 -32.66 -5.90
CA SER I 56 1.71 -32.12 -5.86
C SER I 56 0.72 -33.22 -5.43
N ILE I 57 -0.13 -32.89 -4.47
CA ILE I 57 -1.19 -33.78 -4.00
C ILE I 57 -2.52 -33.09 -4.22
N VAL I 58 -3.47 -33.81 -4.82
CA VAL I 58 -4.80 -33.29 -5.11
C VAL I 58 -5.82 -34.22 -4.48
N VAL I 59 -6.72 -33.66 -3.67
CA VAL I 59 -7.85 -34.39 -3.09
C VAL I 59 -9.12 -33.66 -3.52
N SER I 60 -9.87 -34.26 -4.44
CA SER I 60 -11.08 -33.66 -4.97
C SER I 60 -12.30 -34.34 -4.36
N GLY I 61 -13.48 -33.94 -4.84
CA GLY I 61 -14.72 -34.56 -4.41
C GLY I 61 -15.15 -34.24 -3.00
N LEU I 62 -14.63 -33.17 -2.41
CA LEU I 62 -15.03 -32.77 -1.07
C LEU I 62 -16.40 -32.12 -1.09
N THR I 63 -17.16 -32.33 -0.02
CA THR I 63 -18.50 -31.77 0.07
C THR I 63 -18.42 -30.28 0.41
N PRO I 64 -19.19 -29.44 -0.28
CA PRO I 64 -19.20 -28.01 0.07
C PRO I 64 -19.96 -27.74 1.36
N GLY I 65 -19.38 -26.88 2.19
CA GLY I 65 -20.05 -26.42 3.39
C GLY I 65 -19.86 -27.26 4.64
N VAL I 66 -18.81 -28.08 4.70
CA VAL I 66 -18.55 -28.93 5.85
C VAL I 66 -17.11 -28.71 6.31
N GLU I 67 -16.91 -28.67 7.63
CA GLU I 67 -15.58 -28.48 8.18
C GLU I 67 -14.75 -29.75 8.01
N TYR I 68 -13.58 -29.60 7.39
CA TYR I 68 -12.65 -30.70 7.18
C TYR I 68 -11.38 -30.45 7.97
N VAL I 69 -10.92 -31.47 8.68
CA VAL I 69 -9.59 -31.46 9.27
C VAL I 69 -8.64 -32.14 8.30
N TYR I 70 -7.56 -31.46 7.94
CA TYR I 70 -6.57 -32.03 7.03
C TYR I 70 -5.18 -31.88 7.65
N THR I 71 -4.41 -32.96 7.58
CA THR I 71 -3.12 -33.05 8.26
C THR I 71 -2.01 -33.21 7.22
N ILE I 72 -0.94 -32.44 7.39
CA ILE I 72 0.22 -32.46 6.52
C ILE I 72 1.38 -33.08 7.29
N GLN I 73 2.00 -34.11 6.71
CA GLN I 73 3.14 -34.76 7.35
C GLN I 73 4.30 -34.88 6.36
N VAL I 74 5.44 -34.31 6.74
CA VAL I 74 6.65 -34.40 5.93
C VAL I 74 7.32 -35.74 6.18
N LEU I 75 7.63 -36.45 5.10
CA LEU I 75 8.16 -37.81 5.19
C LEU I 75 9.50 -37.90 4.47
N ARG I 76 10.53 -38.35 5.20
CA ARG I 76 11.83 -38.66 4.64
C ARG I 76 11.90 -40.16 4.41
N ASP I 77 12.03 -40.59 3.16
CA ASP I 77 12.04 -42.02 2.83
C ASP I 77 10.76 -42.70 3.31
N GLY I 78 9.65 -41.98 3.28
CA GLY I 78 8.43 -42.46 3.89
C GLY I 78 8.53 -42.57 5.39
N GLN I 79 9.20 -41.63 6.04
CA GLN I 79 9.44 -41.69 7.48
C GLN I 79 9.08 -40.37 8.14
N GLU I 80 8.42 -40.49 9.28
CA GLU I 80 8.22 -39.37 10.20
C GLU I 80 9.51 -38.59 10.39
N ARG I 81 9.43 -37.27 10.21
CA ARG I 81 10.48 -36.36 10.66
C ARG I 81 10.02 -35.49 11.81
N ASP I 82 8.84 -34.88 11.70
CA ASP I 82 8.26 -34.07 12.76
C ASP I 82 6.84 -34.53 13.02
N ALA I 83 6.18 -33.87 13.96
CA ALA I 83 4.78 -34.16 14.23
C ALA I 83 3.93 -33.71 13.03
N PRO I 84 2.76 -34.32 12.84
CA PRO I 84 1.89 -33.92 11.73
C PRO I 84 1.42 -32.48 11.90
N ILE I 85 1.24 -31.81 10.76
CA ILE I 85 0.77 -30.42 10.74
C ILE I 85 -0.74 -30.45 10.60
N VAL I 86 -1.44 -30.12 11.69
CA VAL I 86 -2.89 -30.23 11.75
C VAL I 86 -3.51 -28.91 11.33
N ASN I 87 -4.52 -28.97 10.46
CA ASN I 87 -5.25 -27.80 10.01
C ASN I 87 -6.74 -28.13 9.95
N LYS I 88 -7.56 -27.08 10.06
CA LYS I 88 -9.00 -27.21 9.96
C LYS I 88 -9.52 -26.09 9.06
N VAL I 89 -10.37 -26.45 8.09
CA VAL I 89 -10.91 -25.49 7.15
C VAL I 89 -12.33 -25.90 6.78
N VAL I 90 -13.20 -24.92 6.58
CA VAL I 90 -14.57 -25.15 6.14
C VAL I 90 -14.63 -24.88 4.64
N THR I 91 -15.10 -25.87 3.89
CA THR I 91 -15.27 -25.70 2.46
C THR I 91 -16.35 -24.65 2.18
N PRO I 92 -16.05 -23.60 1.41
CA PRO I 92 -17.04 -22.58 1.06
C PRO I 92 -18.21 -23.14 0.25
N ILE J 10 23.93 20.48 -18.18
CA ILE J 10 23.67 20.01 -16.83
C ILE J 10 24.45 18.73 -16.57
N PRO J 11 25.55 18.84 -15.81
CA PRO J 11 26.34 17.66 -15.48
C PRO J 11 25.60 16.77 -14.51
N PRO J 12 25.65 15.44 -14.71
CA PRO J 12 24.94 14.53 -13.80
C PRO J 12 25.56 14.55 -12.42
N TYR J 13 24.70 14.48 -11.40
CA TYR J 13 25.15 14.50 -10.01
C TYR J 13 24.60 13.29 -9.27
N ASN J 14 25.31 12.88 -8.22
CA ASN J 14 24.90 11.80 -7.35
C ASN J 14 24.32 12.40 -6.08
N THR J 15 23.15 11.92 -5.66
CA THR J 15 22.46 12.45 -4.48
C THR J 15 22.36 11.37 -3.41
N GLU J 16 22.77 11.72 -2.19
CA GLU J 16 22.67 10.82 -1.05
C GLU J 16 22.02 11.56 0.10
N VAL J 17 20.95 10.98 0.66
CA VAL J 17 20.20 11.58 1.75
C VAL J 17 20.19 10.62 2.93
N THR J 18 20.47 11.15 4.11
CA THR J 18 20.43 10.39 5.36
C THR J 18 19.43 11.04 6.32
N GLU J 19 19.47 10.60 7.57
CA GLU J 19 18.52 11.10 8.56
C GLU J 19 18.80 12.55 8.95
N THR J 20 20.04 13.00 8.81
CA THR J 20 20.40 14.37 9.18
C THR J 20 21.24 15.10 8.14
N THR J 21 21.73 14.42 7.10
CA THR J 21 22.60 15.04 6.11
C THR J 21 22.05 14.81 4.71
N ILE J 22 22.34 15.76 3.82
CA ILE J 22 22.17 15.57 2.38
C ILE J 22 23.51 15.88 1.73
N VAL J 23 24.04 14.91 1.01
CA VAL J 23 25.36 15.02 0.36
C VAL J 23 25.16 14.68 -1.10
N ILE J 24 25.51 15.61 -1.98
CA ILE J 24 25.48 15.35 -3.42
C ILE J 24 26.85 15.67 -4.00
N THR J 25 27.33 14.80 -4.89
CA THR J 25 28.65 14.89 -5.46
C THR J 25 28.57 14.87 -6.98
N TRP J 26 29.65 15.33 -7.62
CA TRP J 26 29.75 15.30 -9.07
C TRP J 26 31.22 15.42 -9.44
N THR J 27 31.50 15.21 -10.72
CA THR J 27 32.87 15.31 -11.21
C THR J 27 33.23 16.78 -11.38
N PRO J 28 34.18 17.30 -10.62
CA PRO J 28 34.46 18.75 -10.71
C PRO J 28 35.09 19.11 -12.04
N ALA J 29 34.56 20.16 -12.65
CA ALA J 29 35.11 20.77 -13.85
C ALA J 29 35.38 22.24 -13.60
N PRO J 30 36.48 22.78 -14.13
CA PRO J 30 36.72 24.23 -14.03
C PRO J 30 35.61 25.08 -14.63
N ARG J 31 34.84 24.54 -15.57
CA ARG J 31 33.79 25.30 -16.25
C ARG J 31 32.96 26.13 -15.28
N ILE J 32 32.28 25.46 -14.34
CA ILE J 32 31.66 26.06 -13.17
C ILE J 32 31.00 24.96 -12.36
N GLY J 33 30.51 25.28 -11.17
CA GLY J 33 29.99 24.28 -10.25
C GLY J 33 28.52 24.40 -9.92
N PHE J 34 28.15 24.01 -8.70
CA PHE J 34 26.76 23.85 -8.32
C PHE J 34 26.39 24.74 -7.14
N LYS J 35 25.08 24.88 -6.96
CA LYS J 35 24.48 25.66 -5.89
C LYS J 35 23.28 24.89 -5.37
N LEU J 36 23.22 24.69 -4.06
CA LEU J 36 22.15 23.94 -3.43
C LEU J 36 21.58 24.73 -2.26
N GLY J 37 20.25 24.75 -2.16
CA GLY J 37 19.58 25.39 -1.04
C GLY J 37 18.55 24.49 -0.39
N VAL J 38 18.55 24.44 0.94
CA VAL J 38 17.66 23.59 1.70
C VAL J 38 16.78 24.46 2.59
N ARG J 39 15.49 24.10 2.69
CA ARG J 39 14.55 24.80 3.56
C ARG J 39 13.39 23.88 3.86
N PRO J 40 12.88 23.86 5.10
CA PRO J 40 11.78 22.95 5.43
C PRO J 40 10.43 23.49 4.99
N SER J 41 9.61 22.57 4.45
CA SER J 41 8.30 22.94 3.90
C SER J 41 7.40 23.53 4.98
N GLN J 42 7.20 22.81 6.08
CA GLN J 42 6.31 23.20 7.16
C GLN J 42 6.78 24.44 7.90
N GLY J 43 7.95 24.99 7.57
CA GLY J 43 8.51 26.07 8.33
C GLY J 43 9.15 25.56 9.61
N GLY J 44 9.57 26.51 10.45
CA GLY J 44 10.20 26.22 11.71
C GLY J 44 11.71 26.38 11.72
N GLU J 45 12.34 26.47 10.55
CA GLU J 45 13.77 26.66 10.45
C GLU J 45 14.07 27.56 9.24
N ALA J 46 15.30 28.10 9.21
CA ALA J 46 15.70 29.03 8.17
C ALA J 46 16.37 28.31 7.00
N PRO J 47 16.25 28.83 5.78
CA PRO J 47 16.85 28.17 4.62
C PRO J 47 18.37 28.28 4.63
N ARG J 48 19.04 27.14 4.49
CA ARG J 48 20.48 27.10 4.28
C ARG J 48 20.79 27.15 2.79
N GLU J 49 21.94 27.71 2.45
CA GLU J 49 22.33 27.87 1.05
C GLU J 49 23.83 27.70 0.94
N VAL J 50 24.27 26.84 0.01
CA VAL J 50 25.68 26.49 -0.15
C VAL J 50 26.00 26.44 -1.64
N THR J 51 27.17 26.98 -2.01
CA THR J 51 27.72 26.86 -3.35
C THR J 51 29.09 26.22 -3.28
N SER J 52 29.42 25.43 -4.30
CA SER J 52 30.72 24.78 -4.32
C SER J 52 31.11 24.43 -5.75
N ASP J 53 32.43 24.38 -5.97
CA ASP J 53 33.02 23.93 -7.22
C ASP J 53 33.77 22.63 -7.07
N SER J 54 33.89 22.10 -5.84
CA SER J 54 34.77 20.98 -5.57
C SER J 54 34.27 19.66 -6.14
N GLY J 55 33.00 19.59 -6.53
CA GLY J 55 32.38 18.32 -6.80
C GLY J 55 31.76 17.68 -5.58
N SER J 56 31.58 18.45 -4.50
CA SER J 56 31.06 17.92 -3.24
C SER J 56 30.33 19.04 -2.53
N ILE J 57 29.06 18.82 -2.20
CA ILE J 57 28.24 19.77 -1.45
C ILE J 57 27.52 19.00 -0.35
N VAL J 58 27.69 19.46 0.89
CA VAL J 58 27.12 18.80 2.05
C VAL J 58 26.31 19.80 2.85
N VAL J 59 25.13 19.38 3.30
CA VAL J 59 24.31 20.14 4.23
C VAL J 59 23.94 19.17 5.35
N SER J 60 24.64 19.26 6.48
CA SER J 60 24.38 18.39 7.62
C SER J 60 23.62 19.16 8.69
N GLY J 61 23.32 18.47 9.79
CA GLY J 61 22.58 19.07 10.88
C GLY J 61 21.09 19.18 10.66
N LEU J 62 20.54 18.48 9.66
CA LEU J 62 19.10 18.51 9.44
C LEU J 62 18.38 17.71 10.51
N THR J 63 17.18 18.17 10.85
CA THR J 63 16.41 17.52 11.91
C THR J 63 15.76 16.25 11.38
N PRO J 64 15.93 15.12 12.05
CA PRO J 64 15.28 13.88 11.59
C PRO J 64 13.77 13.98 11.71
N GLY J 65 13.08 13.41 10.73
CA GLY J 65 11.63 13.36 10.72
C GLY J 65 10.94 14.55 10.10
N VAL J 66 11.65 15.40 9.36
CA VAL J 66 11.11 16.64 8.84
C VAL J 66 11.25 16.63 7.32
N GLU J 67 10.17 17.00 6.63
CA GLU J 67 10.21 17.14 5.18
C GLU J 67 10.98 18.41 4.82
N TYR J 68 11.89 18.28 3.85
CA TYR J 68 12.72 19.40 3.41
C TYR J 68 12.56 19.60 1.91
N VAL J 69 12.56 20.85 1.48
CA VAL J 69 12.63 21.21 0.08
C VAL J 69 14.07 21.61 -0.20
N TYR J 70 14.77 20.81 -1.02
CA TYR J 70 16.13 21.12 -1.40
C TYR J 70 16.18 21.36 -2.91
N THR J 71 16.87 22.44 -3.29
CA THR J 71 16.89 22.94 -4.66
C THR J 71 18.31 22.88 -5.20
N ILE J 72 18.46 22.38 -6.42
CA ILE J 72 19.76 22.28 -7.08
C ILE J 72 19.73 23.14 -8.33
N GLN J 73 20.48 24.24 -8.32
CA GLN J 73 20.58 25.15 -9.46
C GLN J 73 22.03 25.21 -9.91
N VAL J 74 22.25 25.08 -11.21
CA VAL J 74 23.60 25.18 -11.77
C VAL J 74 23.99 26.65 -11.88
N LEU J 75 25.29 26.89 -11.86
CA LEU J 75 25.85 28.21 -12.14
C LEU J 75 26.36 28.24 -13.57
N ARG J 76 26.89 29.40 -13.96
CA ARG J 76 27.76 29.49 -15.14
C ARG J 76 28.49 30.82 -15.05
N ASP J 77 29.82 30.75 -14.86
CA ASP J 77 30.62 31.90 -14.44
C ASP J 77 29.99 32.58 -13.23
N GLY J 78 29.35 31.79 -12.37
CA GLY J 78 28.78 32.30 -11.14
C GLY J 78 27.39 32.89 -11.25
N GLN J 79 26.63 32.54 -12.28
CA GLN J 79 25.28 33.09 -12.43
C GLN J 79 24.33 32.02 -12.93
N GLU J 80 23.09 32.08 -12.45
CA GLU J 80 22.08 31.09 -12.79
C GLU J 80 21.67 31.23 -14.26
N ARG J 81 21.71 30.12 -14.99
CA ARG J 81 21.14 30.06 -16.32
C ARG J 81 20.00 29.05 -16.42
N ASP J 82 20.22 27.82 -15.98
CA ASP J 82 19.15 26.84 -16.07
C ASP J 82 18.19 26.99 -14.90
N ALA J 83 17.02 26.37 -15.04
CA ALA J 83 15.99 26.47 -14.02
C ALA J 83 16.41 25.68 -12.78
N PRO J 84 16.01 26.15 -11.59
CA PRO J 84 16.34 25.41 -10.37
C PRO J 84 15.58 24.10 -10.30
N ILE J 85 16.26 23.05 -9.85
CA ILE J 85 15.70 21.71 -9.76
C ILE J 85 15.20 21.51 -8.34
N VAL J 86 13.89 21.55 -8.15
CA VAL J 86 13.27 21.48 -6.83
C VAL J 86 12.96 20.03 -6.49
N ASN J 87 13.26 19.65 -5.25
CA ASN J 87 12.96 18.31 -4.76
C ASN J 87 12.46 18.41 -3.33
N LYS J 88 11.75 17.37 -2.90
CA LYS J 88 11.22 17.29 -1.53
C LYS J 88 11.54 15.91 -0.97
N VAL J 89 12.16 15.89 0.22
CA VAL J 89 12.54 14.64 0.86
C VAL J 89 12.36 14.77 2.37
N VAL J 90 11.80 13.71 2.99
CA VAL J 90 11.71 13.55 4.43
C VAL J 90 12.97 12.83 4.90
N THR J 91 13.51 13.29 6.04
CA THR J 91 14.89 12.94 6.39
C THR J 91 15.11 11.47 6.70
N PRO J 92 14.37 10.82 7.61
CA PRO J 92 14.78 9.46 7.99
C PRO J 92 14.72 8.47 6.84
N SER K 9 -19.81 -15.31 -20.59
CA SER K 9 -20.78 -16.38 -20.34
C SER K 9 -20.23 -17.42 -19.38
N ILE K 10 -18.91 -17.41 -19.21
CA ILE K 10 -18.17 -18.49 -18.57
C ILE K 10 -18.36 -18.49 -17.06
N PRO K 11 -18.46 -19.65 -16.40
CA PRO K 11 -18.41 -19.66 -14.94
C PRO K 11 -16.99 -19.46 -14.45
N PRO K 12 -16.82 -18.86 -13.27
CA PRO K 12 -15.46 -18.59 -12.78
C PRO K 12 -14.71 -19.88 -12.46
N TYR K 13 -13.41 -19.86 -12.71
CA TYR K 13 -12.54 -20.99 -12.42
C TYR K 13 -11.18 -20.49 -11.96
N ASN K 14 -10.55 -21.26 -11.09
CA ASN K 14 -9.21 -20.94 -10.59
C ASN K 14 -8.18 -21.80 -11.33
N THR K 15 -7.05 -21.19 -11.66
CA THR K 15 -5.96 -21.86 -12.37
C THR K 15 -4.73 -21.89 -11.48
N GLU K 16 -4.14 -23.08 -11.33
CA GLU K 16 -2.90 -23.26 -10.59
C GLU K 16 -1.86 -23.90 -11.50
N VAL K 17 -0.68 -23.30 -11.56
CA VAL K 17 0.41 -23.76 -12.42
C VAL K 17 1.63 -24.04 -11.56
N THR K 18 2.16 -25.25 -11.65
CA THR K 18 3.41 -25.61 -10.99
C THR K 18 4.41 -26.11 -12.02
N GLU K 19 5.46 -26.80 -11.57
CA GLU K 19 6.46 -27.32 -12.49
C GLU K 19 5.90 -28.46 -13.33
N THR K 20 5.06 -29.30 -12.73
CA THR K 20 4.55 -30.49 -13.40
C THR K 20 3.04 -30.51 -13.58
N THR K 21 2.29 -29.67 -12.88
CA THR K 21 0.83 -29.74 -12.91
C THR K 21 0.21 -28.42 -13.35
N ILE K 22 -0.95 -28.54 -14.00
CA ILE K 22 -1.88 -27.44 -14.22
C ILE K 22 -3.22 -27.88 -13.67
N VAL K 23 -3.73 -27.14 -12.70
CA VAL K 23 -4.96 -27.51 -11.98
C VAL K 23 -6.01 -26.43 -12.22
N ILE K 24 -7.22 -26.86 -12.56
CA ILE K 24 -8.36 -25.97 -12.71
C ILE K 24 -9.43 -26.39 -11.71
N THR K 25 -9.83 -25.46 -10.85
CA THR K 25 -10.88 -25.71 -9.87
C THR K 25 -12.04 -24.76 -10.13
N TRP K 26 -13.24 -25.20 -9.74
CA TRP K 26 -14.44 -24.39 -9.92
C TRP K 26 -15.55 -24.94 -9.02
N THR K 27 -16.61 -24.17 -8.89
CA THR K 27 -17.75 -24.57 -8.09
C THR K 27 -18.61 -25.56 -8.89
N PRO K 28 -18.77 -26.80 -8.43
CA PRO K 28 -19.57 -27.77 -9.18
C PRO K 28 -21.04 -27.34 -9.21
N ALA K 29 -21.62 -27.33 -10.41
CA ALA K 29 -23.00 -26.94 -10.62
C ALA K 29 -23.65 -27.90 -11.60
N PRO K 30 -24.96 -28.12 -11.49
CA PRO K 30 -25.64 -28.97 -12.46
C PRO K 30 -25.55 -28.39 -13.87
N ARG K 31 -25.48 -29.28 -14.86
CA ARG K 31 -25.42 -28.91 -16.27
C ARG K 31 -24.20 -28.05 -16.57
N ILE K 32 -23.08 -28.34 -15.92
CA ILE K 32 -21.85 -27.57 -16.08
C ILE K 32 -20.66 -28.50 -16.00
N GLY K 33 -19.77 -28.41 -16.99
CA GLY K 33 -18.52 -29.14 -16.99
C GLY K 33 -17.40 -28.27 -17.54
N PHE K 34 -16.19 -28.82 -17.50
CA PHE K 34 -15.01 -28.09 -17.97
C PHE K 34 -14.08 -29.02 -18.71
N LYS K 35 -13.40 -28.47 -19.71
CA LYS K 35 -12.47 -29.22 -20.56
C LYS K 35 -11.14 -28.47 -20.60
N LEU K 36 -10.07 -29.17 -20.26
CA LEU K 36 -8.73 -28.59 -20.26
C LEU K 36 -7.85 -29.35 -21.24
N GLY K 37 -7.14 -28.60 -22.09
CA GLY K 37 -6.22 -29.19 -23.04
C GLY K 37 -4.86 -28.52 -23.06
N VAL K 38 -3.82 -29.23 -22.64
CA VAL K 38 -2.45 -28.70 -22.62
C VAL K 38 -1.62 -29.44 -23.65
N ARG K 39 -0.86 -28.70 -24.44
CA ARG K 39 0.06 -29.23 -25.42
C ARG K 39 1.32 -28.37 -25.46
N PRO K 40 2.48 -28.97 -25.69
CA PRO K 40 3.68 -28.15 -25.91
C PRO K 40 3.58 -27.40 -27.23
N SER K 41 3.98 -26.12 -27.20
CA SER K 41 3.82 -25.27 -28.37
C SER K 41 4.78 -25.64 -29.50
N GLN K 42 5.79 -26.46 -29.22
CA GLN K 42 6.84 -26.71 -30.21
C GLN K 42 6.51 -27.90 -31.10
N GLY K 43 6.57 -29.10 -30.53
CA GLY K 43 6.22 -30.29 -31.29
C GLY K 43 4.73 -30.35 -31.53
N GLY K 44 4.35 -30.34 -32.82
CA GLY K 44 3.01 -30.70 -33.20
C GLY K 44 2.56 -31.95 -32.46
N GLU K 45 2.06 -31.76 -31.25
CA GLU K 45 1.71 -32.84 -30.35
C GLU K 45 0.25 -32.69 -30.00
N ALA K 46 -0.47 -33.81 -29.95
CA ALA K 46 -1.89 -33.73 -29.66
C ALA K 46 -2.12 -33.15 -28.27
N PRO K 47 -3.05 -32.21 -28.13
CA PRO K 47 -3.29 -31.63 -26.80
C PRO K 47 -3.94 -32.65 -25.87
N ARG K 48 -3.28 -32.94 -24.77
CA ARG K 48 -3.86 -33.77 -23.74
C ARG K 48 -5.13 -33.13 -23.19
N GLU K 49 -6.22 -33.89 -23.19
CA GLU K 49 -7.54 -33.36 -22.85
C GLU K 49 -8.09 -34.11 -21.65
N VAL K 50 -8.56 -33.36 -20.66
CA VAL K 50 -9.21 -33.91 -19.47
C VAL K 50 -10.50 -33.12 -19.26
N THR K 51 -11.63 -33.82 -19.21
CA THR K 51 -12.93 -33.22 -18.98
C THR K 51 -13.55 -33.80 -17.71
N SER K 52 -14.18 -32.93 -16.92
CA SER K 52 -14.84 -33.39 -15.70
C SER K 52 -15.89 -32.37 -15.28
N ASP K 53 -16.79 -32.83 -14.41
CA ASP K 53 -17.79 -31.99 -13.79
C ASP K 53 -17.68 -31.99 -12.27
N SER K 54 -16.71 -32.72 -11.71
CA SER K 54 -16.58 -32.82 -10.26
C SER K 54 -16.11 -31.53 -9.62
N GLY K 55 -15.54 -30.61 -10.40
CA GLY K 55 -15.03 -29.37 -9.87
C GLY K 55 -13.53 -29.21 -9.98
N SER K 56 -12.81 -30.21 -10.48
CA SER K 56 -11.36 -30.13 -10.55
C SER K 56 -10.87 -30.85 -11.79
N ILE K 57 -9.85 -30.28 -12.43
CA ILE K 57 -9.12 -30.90 -13.53
C ILE K 57 -7.64 -30.71 -13.26
N VAL K 58 -6.89 -31.80 -13.20
CA VAL K 58 -5.45 -31.75 -13.01
C VAL K 58 -4.77 -32.50 -14.15
N VAL K 59 -3.66 -31.95 -14.62
CA VAL K 59 -2.79 -32.61 -15.60
C VAL K 59 -1.39 -32.57 -15.03
N SER K 60 -0.84 -33.74 -14.71
CA SER K 60 0.49 -33.84 -14.12
C SER K 60 1.45 -34.44 -15.14
N GLY K 61 2.70 -34.60 -14.71
CA GLY K 61 3.73 -35.13 -15.59
C GLY K 61 4.27 -34.15 -16.59
N LEU K 62 4.00 -32.86 -16.42
CA LEU K 62 4.56 -31.85 -17.32
C LEU K 62 6.04 -31.63 -17.04
N THR K 63 6.75 -31.17 -18.04
CA THR K 63 8.19 -30.98 -17.95
C THR K 63 8.49 -29.55 -17.51
N PRO K 64 9.23 -29.34 -16.41
CA PRO K 64 9.54 -27.97 -15.99
C PRO K 64 10.46 -27.27 -16.99
N GLY K 65 10.18 -26.00 -17.23
CA GLY K 65 10.95 -25.22 -18.18
C GLY K 65 10.48 -25.30 -19.61
N VAL K 66 9.29 -25.84 -19.86
CA VAL K 66 8.76 -26.01 -21.21
C VAL K 66 7.51 -25.14 -21.33
N GLU K 67 7.44 -24.35 -22.40
CA GLU K 67 6.24 -23.59 -22.69
C GLU K 67 5.10 -24.53 -23.03
N TYR K 68 3.91 -24.24 -22.51
CA TYR K 68 2.73 -25.06 -22.74
C TYR K 68 1.57 -24.17 -23.16
N VAL K 69 0.87 -24.57 -24.20
CA VAL K 69 -0.38 -23.94 -24.59
C VAL K 69 -1.51 -24.75 -23.97
N TYR K 70 -2.25 -24.15 -23.04
CA TYR K 70 -3.36 -24.84 -22.40
C TYR K 70 -4.66 -24.10 -22.68
N THR K 71 -5.65 -24.84 -23.14
CA THR K 71 -6.97 -24.30 -23.45
C THR K 71 -7.97 -24.78 -22.40
N ILE K 72 -9.03 -24.00 -22.22
CA ILE K 72 -10.09 -24.34 -21.29
C ILE K 72 -11.43 -24.07 -21.97
N GLN K 73 -12.38 -24.97 -21.77
CA GLN K 73 -13.64 -24.93 -22.51
C GLN K 73 -14.77 -25.41 -21.61
N VAL K 74 -15.77 -24.55 -21.41
CA VAL K 74 -16.91 -24.89 -20.56
C VAL K 74 -17.92 -25.70 -21.35
N LEU K 75 -18.61 -26.61 -20.65
CA LEU K 75 -19.65 -27.44 -21.25
C LEU K 75 -20.97 -27.19 -20.53
N ARG K 76 -22.02 -26.91 -21.31
CA ARG K 76 -23.36 -26.70 -20.79
C ARG K 76 -24.26 -27.79 -21.34
N ASP K 77 -24.89 -28.55 -20.43
CA ASP K 77 -25.72 -29.70 -20.81
C ASP K 77 -24.92 -30.70 -21.63
N GLY K 78 -23.67 -30.91 -21.24
CA GLY K 78 -22.82 -31.88 -21.91
C GLY K 78 -22.37 -31.51 -23.30
N GLN K 79 -22.16 -30.22 -23.57
CA GLN K 79 -21.82 -29.78 -24.91
C GLN K 79 -20.94 -28.55 -24.87
N GLU K 80 -19.91 -28.54 -25.71
CA GLU K 80 -19.09 -27.34 -25.94
C GLU K 80 -19.90 -26.40 -26.82
N ARG K 81 -20.49 -25.37 -26.22
CA ARG K 81 -21.30 -24.39 -26.93
C ARG K 81 -20.57 -23.07 -27.11
N ASP K 82 -19.27 -23.00 -26.79
CA ASP K 82 -18.49 -21.79 -26.94
C ASP K 82 -17.07 -22.14 -27.37
N ALA K 83 -16.45 -21.21 -28.09
CA ALA K 83 -15.09 -21.40 -28.56
C ALA K 83 -14.13 -21.52 -27.38
N PRO K 84 -13.04 -22.29 -27.53
CA PRO K 84 -12.11 -22.47 -26.41
C PRO K 84 -11.32 -21.21 -26.14
N ILE K 85 -11.15 -20.90 -24.86
CA ILE K 85 -10.45 -19.70 -24.42
C ILE K 85 -9.03 -20.10 -24.05
N VAL K 86 -8.05 -19.50 -24.71
CA VAL K 86 -6.71 -20.05 -24.85
C VAL K 86 -5.73 -19.28 -23.96
N ASN K 87 -4.80 -20.02 -23.34
CA ASN K 87 -3.75 -19.43 -22.54
C ASN K 87 -2.42 -20.10 -22.85
N LYS K 88 -1.33 -19.41 -22.53
CA LYS K 88 0.02 -19.93 -22.73
C LYS K 88 0.84 -19.63 -21.49
N VAL K 89 1.56 -20.64 -20.99
CA VAL K 89 2.36 -20.49 -19.78
C VAL K 89 3.62 -21.35 -19.92
N VAL K 90 4.68 -20.93 -19.26
CA VAL K 90 5.94 -21.67 -19.22
C VAL K 90 6.08 -22.24 -17.81
N THR K 91 6.22 -23.57 -17.74
CA THR K 91 6.36 -24.22 -16.44
C THR K 91 7.68 -23.81 -15.79
N PRO K 92 7.69 -23.59 -14.46
CA PRO K 92 8.91 -23.24 -13.73
C PRO K 92 9.91 -24.39 -13.68
N ILE L 10 -17.21 15.57 26.98
CA ILE L 10 -17.75 14.22 26.95
C ILE L 10 -19.01 14.05 26.06
N PRO L 11 -19.89 15.05 25.99
CA PRO L 11 -20.99 14.99 25.02
C PRO L 11 -20.47 14.73 23.62
N PRO L 12 -20.96 13.69 22.95
CA PRO L 12 -20.37 13.31 21.67
C PRO L 12 -20.64 14.33 20.58
N TYR L 13 -19.68 14.46 19.67
CA TYR L 13 -19.79 15.33 18.51
C TYR L 13 -19.52 14.52 17.25
N ASN L 14 -20.05 15.02 16.14
CA ASN L 14 -19.86 14.41 14.82
C ASN L 14 -19.08 15.39 13.95
N THR L 15 -18.06 14.88 13.25
CA THR L 15 -17.24 15.70 12.39
C THR L 15 -17.34 15.22 10.95
N GLU L 16 -17.58 16.15 10.03
CA GLU L 16 -17.64 15.88 8.61
C GLU L 16 -16.59 16.74 7.92
N VAL L 17 -15.77 16.12 7.06
CA VAL L 17 -14.68 16.80 6.38
C VAL L 17 -14.90 16.70 4.88
N THR L 18 -14.98 17.84 4.21
CA THR L 18 -14.97 17.93 2.77
C THR L 18 -13.67 18.57 2.32
N GLU L 19 -13.55 18.84 1.02
CA GLU L 19 -12.34 19.45 0.49
C GLU L 19 -12.23 20.94 0.80
N THR L 20 -13.32 21.56 1.27
CA THR L 20 -13.29 22.98 1.59
C THR L 20 -13.91 23.32 2.95
N THR L 21 -14.53 22.36 3.63
CA THR L 21 -15.25 22.64 4.87
C THR L 21 -14.92 21.60 5.92
N ILE L 22 -14.99 22.02 7.18
CA ILE L 22 -14.91 21.13 8.33
C ILE L 22 -16.10 21.45 9.22
N VAL L 23 -16.93 20.44 9.50
CA VAL L 23 -18.20 20.63 10.18
C VAL L 23 -18.19 19.80 11.46
N ILE L 24 -18.61 20.42 12.56
CA ILE L 24 -18.84 19.73 13.83
C ILE L 24 -20.30 19.89 14.19
N THR L 25 -20.94 18.78 14.56
CA THR L 25 -22.34 18.80 14.97
C THR L 25 -22.51 18.03 16.27
N TRP L 26 -23.49 18.45 17.06
CA TRP L 26 -23.80 17.79 18.32
C TRP L 26 -25.18 18.20 18.76
N THR L 27 -25.72 17.44 19.71
CA THR L 27 -26.99 17.81 20.32
C THR L 27 -26.75 18.95 21.28
N PRO L 28 -27.35 20.13 21.06
CA PRO L 28 -27.14 21.24 22.00
C PRO L 28 -27.52 20.83 23.41
N ALA L 29 -26.75 21.31 24.37
CA ALA L 29 -26.80 20.72 25.69
C ALA L 29 -26.89 21.84 26.73
N PRO L 30 -26.72 21.59 28.07
CA PRO L 30 -27.23 22.57 29.03
C PRO L 30 -26.35 23.81 29.08
N ARG L 31 -26.47 24.69 28.08
CA ARG L 31 -25.64 25.89 28.05
C ARG L 31 -24.17 25.53 27.83
N ILE L 32 -23.90 24.36 27.23
CA ILE L 32 -22.53 23.94 26.94
C ILE L 32 -22.24 24.17 25.46
N GLY L 33 -20.96 24.40 25.17
CA GLY L 33 -20.53 24.72 23.82
C GLY L 33 -19.24 24.01 23.46
N PHE L 34 -18.84 24.21 22.21
CA PHE L 34 -17.60 23.68 21.68
C PHE L 34 -16.81 24.83 21.08
N LYS L 35 -15.50 24.61 20.96
CA LYS L 35 -14.59 25.60 20.38
C LYS L 35 -13.67 24.88 19.43
N LEU L 36 -13.77 25.20 18.14
CA LEU L 36 -12.96 24.56 17.11
C LEU L 36 -11.98 25.58 16.53
N GLY L 37 -10.71 25.23 16.52
CA GLY L 37 -9.69 26.04 15.89
C GLY L 37 -8.99 25.30 14.77
N VAL L 38 -8.99 25.85 13.56
CA VAL L 38 -8.43 25.21 12.38
C VAL L 38 -7.34 26.10 11.81
N ARG L 39 -6.14 25.56 11.66
CA ARG L 39 -5.02 26.20 11.01
C ARG L 39 -4.34 25.21 10.07
N PRO L 40 -3.60 25.70 9.08
CA PRO L 40 -2.80 24.80 8.26
C PRO L 40 -1.51 24.42 8.95
N SER L 41 -1.05 23.20 8.68
CA SER L 41 0.17 22.71 9.31
C SER L 41 1.40 23.46 8.79
N GLN L 42 1.51 23.58 7.46
CA GLN L 42 2.58 24.40 6.89
C GLN L 42 2.26 25.88 7.07
N GLY L 43 1.06 26.29 6.68
CA GLY L 43 0.71 27.70 6.72
C GLY L 43 0.38 28.26 5.37
N GLY L 44 0.48 29.58 5.23
CA GLY L 44 -0.11 30.28 4.11
C GLY L 44 -1.53 30.72 4.37
N GLU L 45 -2.02 30.56 5.60
CA GLU L 45 -3.36 30.94 6.01
C GLU L 45 -3.36 30.92 7.53
N ALA L 46 -4.49 31.31 8.12
CA ALA L 46 -4.59 31.63 9.53
C ALA L 46 -5.48 30.62 10.28
N PRO L 47 -5.40 30.61 11.63
CA PRO L 47 -6.26 29.70 12.41
C PRO L 47 -7.49 30.34 13.02
N ARG L 48 -8.63 30.24 12.38
CA ARG L 48 -9.83 30.75 13.00
C ARG L 48 -10.27 29.88 14.17
N GLU L 49 -10.85 30.52 15.18
CA GLU L 49 -11.52 29.83 16.28
C GLU L 49 -12.97 30.23 16.22
N VAL L 50 -13.85 29.25 16.42
CA VAL L 50 -15.29 29.49 16.42
C VAL L 50 -15.87 28.80 17.64
N THR L 51 -16.52 29.57 18.49
CA THR L 51 -17.23 29.07 19.66
C THR L 51 -18.72 28.96 19.34
N SER L 52 -19.39 28.00 19.96
CA SER L 52 -20.83 27.89 19.71
C SER L 52 -21.48 26.92 20.67
N ASP L 53 -22.71 27.26 21.08
CA ASP L 53 -23.67 26.31 21.64
C ASP L 53 -24.75 25.94 20.63
N SER L 54 -24.64 26.41 19.39
CA SER L 54 -25.67 26.21 18.37
C SER L 54 -25.88 24.75 18.01
N GLY L 55 -24.95 23.86 18.38
CA GLY L 55 -24.98 22.50 17.92
C GLY L 55 -24.28 22.28 16.60
N SER L 56 -23.66 23.31 16.04
CA SER L 56 -22.98 23.20 14.76
C SER L 56 -21.88 24.25 14.67
N ILE L 57 -20.70 23.82 14.22
CA ILE L 57 -19.57 24.71 13.95
C ILE L 57 -19.03 24.35 12.58
N VAL L 58 -18.96 25.32 11.67
CA VAL L 58 -18.48 25.11 10.32
C VAL L 58 -17.36 26.10 10.03
N VAL L 59 -16.28 25.60 9.44
CA VAL L 59 -15.20 26.44 8.93
C VAL L 59 -15.07 26.13 7.44
N SER L 60 -15.55 27.03 6.60
CA SER L 60 -15.52 26.86 5.16
C SER L 60 -14.38 27.68 4.56
N GLY L 61 -14.30 27.66 3.22
CA GLY L 61 -13.26 28.38 2.53
C GLY L 61 -11.89 27.74 2.56
N LEU L 62 -11.79 26.52 3.08
CA LEU L 62 -10.50 25.83 3.13
C LEU L 62 -10.03 25.46 1.73
N THR L 63 -8.72 25.35 1.58
CA THR L 63 -8.15 25.01 0.28
C THR L 63 -8.10 23.49 0.11
N PRO L 64 -8.56 22.95 -1.02
CA PRO L 64 -8.41 21.51 -1.25
C PRO L 64 -6.95 21.16 -1.53
N GLY L 65 -6.52 20.04 -0.96
CA GLY L 65 -5.16 19.58 -1.11
C GLY L 65 -4.18 20.06 -0.07
N VAL L 66 -4.67 20.65 1.01
CA VAL L 66 -3.82 21.24 2.06
C VAL L 66 -4.09 20.53 3.37
N GLU L 67 -3.03 20.23 4.10
CA GLU L 67 -3.16 19.63 5.43
C GLU L 67 -3.50 20.72 6.44
N TYR L 68 -4.53 20.47 7.25
CA TYR L 68 -4.98 21.41 8.26
C TYR L 68 -4.96 20.73 9.63
N VAL L 69 -4.46 21.44 10.62
CA VAL L 69 -4.57 21.01 12.00
C VAL L 69 -5.79 21.67 12.62
N TYR L 70 -6.68 20.86 13.20
CA TYR L 70 -7.91 21.36 13.79
C TYR L 70 -8.10 20.71 15.15
N THR L 71 -8.38 21.54 16.15
CA THR L 71 -8.50 21.08 17.52
C THR L 71 -9.87 21.45 18.09
N ILE L 72 -10.37 20.62 18.99
CA ILE L 72 -11.70 20.77 19.57
C ILE L 72 -11.54 21.00 21.07
N GLN L 73 -12.18 22.04 21.58
CA GLN L 73 -12.07 22.44 22.98
C GLN L 73 -13.46 22.62 23.55
N VAL L 74 -13.80 21.83 24.58
CA VAL L 74 -15.11 21.92 25.19
C VAL L 74 -15.21 23.20 26.02
N LEU L 75 -16.39 23.80 26.03
CA LEU L 75 -16.64 25.06 26.74
C LEU L 75 -17.87 24.90 27.61
N ARG L 76 -17.70 25.02 28.92
CA ARG L 76 -18.81 25.11 29.85
C ARG L 76 -18.75 26.46 30.54
N ASP L 77 -19.80 27.27 30.37
CA ASP L 77 -19.89 28.62 30.93
C ASP L 77 -18.80 29.53 30.38
N GLY L 78 -18.28 29.23 29.20
CA GLY L 78 -17.26 30.06 28.59
C GLY L 78 -15.87 29.91 29.18
N GLN L 79 -15.54 28.73 29.70
CA GLN L 79 -14.23 28.49 30.27
C GLN L 79 -13.68 27.17 29.75
N GLU L 80 -12.39 27.12 29.50
CA GLU L 80 -11.71 25.88 29.14
C GLU L 80 -11.28 25.18 30.42
N ARG L 81 -11.62 23.89 30.52
CA ARG L 81 -11.30 23.12 31.71
C ARG L 81 -10.68 21.76 31.40
N ASP L 82 -10.72 21.31 30.15
CA ASP L 82 -10.05 20.09 29.73
C ASP L 82 -9.12 20.41 28.57
N ALA L 83 -8.17 19.51 28.34
CA ALA L 83 -7.15 19.75 27.32
C ALA L 83 -7.77 19.76 25.93
N PRO L 84 -7.22 20.55 25.02
CA PRO L 84 -7.73 20.56 23.64
C PRO L 84 -7.44 19.25 22.93
N ILE L 85 -8.37 18.83 22.08
CA ILE L 85 -8.24 17.61 21.30
C ILE L 85 -7.82 18.03 19.89
N VAL L 86 -6.55 17.82 19.57
CA VAL L 86 -5.97 18.28 18.31
C VAL L 86 -5.94 17.11 17.33
N ASN L 87 -6.40 17.37 16.10
CA ASN L 87 -6.40 16.38 15.03
C ASN L 87 -5.80 17.00 13.78
N LYS L 88 -5.43 16.16 12.82
CA LYS L 88 -4.90 16.62 11.54
C LYS L 88 -5.59 15.90 10.40
N VAL L 89 -5.90 16.63 9.34
CA VAL L 89 -6.64 16.08 8.21
C VAL L 89 -6.20 16.80 6.94
N VAL L 90 -6.17 16.05 5.84
CA VAL L 90 -6.00 16.60 4.50
C VAL L 90 -7.38 16.66 3.86
N THR L 91 -7.70 17.81 3.26
CA THR L 91 -9.08 18.12 2.90
C THR L 91 -9.67 17.29 1.76
N PRO L 92 -8.95 17.06 0.64
CA PRO L 92 -9.65 16.37 -0.45
C PRO L 92 -10.01 14.92 -0.12
C1 GOL M . 1.80 13.76 14.39
O1 GOL M . 1.91 14.97 15.07
C2 GOL M . 2.34 13.99 12.96
O2 GOL M . 3.70 13.70 12.88
C3 GOL M . 2.05 15.47 12.63
O3 GOL M . 2.50 15.69 11.33
C1 GOL N . -46.81 12.44 10.77
O1 GOL N . -47.33 12.47 12.07
C2 GOL N . -45.35 12.96 10.86
O2 GOL N . -45.29 14.33 10.98
C3 GOL N . -44.75 12.24 12.10
O3 GOL N . -44.08 13.21 12.85
#